data_6T3H
#
_entry.id   6T3H
#
_cell.length_a   111.790
_cell.length_b   174.487
_cell.length_c   49.879
_cell.angle_alpha   90.000
_cell.angle_beta   90.000
_cell.angle_gamma   90.000
#
_symmetry.space_group_name_H-M   'P 21 21 2'
#
_entity_poly.entity_id   1
_entity_poly.type   'polypeptide(L)'
_entity_poly.pdbx_seq_one_letter_code
;MLSKVKKVPSPYVGNLLNKWHDYIMQEKVHESIEKRTEIKQLLSQAEDNKDLVDYFILLDHRHSLCFDQEASMGDVVNML
SKGSHDLLINFYFELFAGDYEFFKKNYVKAISFYEKAEQKLSSIPNIEETKFAEFHYKIGVAYYEIDQHLVSVNKVTKAR
DIYKKSDMWNLEAIQCSLVVGINLYDMGRLDDADAYFRDALTEALDHGYDKPITKIYHNLGLVHWQKGSLELALHYFREA
YSHEWLRDSPKGQQTVYMLSRVLYTMGQNEEAYHWYELGIEMARKFDDHEYKAKHDILYHLYEQPSIDEVKQSLAFLEER
NLWPDVSKIAKGISELYEKKGDLVTSHEFLKRAFYAKEQIQRITEALGLEHHHHHH
;
_entity_poly.pdbx_strand_id   A,B
#
# COMPACT_ATOMS: atom_id res chain seq x y z
N PRO A 9 -7.22 16.08 25.66
CA PRO A 9 -6.85 16.45 24.30
C PRO A 9 -5.42 16.01 24.00
N SER A 10 -5.25 14.73 23.70
CA SER A 10 -3.96 14.06 23.86
C SER A 10 -2.83 14.62 22.98
N PRO A 11 -2.87 14.49 21.63
CA PRO A 11 -1.72 14.99 20.85
C PRO A 11 -1.67 16.50 20.70
N TYR A 12 -2.59 17.22 21.33
CA TYR A 12 -2.42 18.68 21.41
C TYR A 12 -1.31 19.02 22.39
N VAL A 13 -1.30 18.35 23.55
CA VAL A 13 -0.26 18.54 24.54
C VAL A 13 1.10 18.16 23.95
N GLY A 14 1.12 17.11 23.14
CA GLY A 14 2.35 16.76 22.45
C GLY A 14 2.91 17.91 21.63
N ASN A 15 2.06 18.56 20.84
CA ASN A 15 2.50 19.73 20.10
C ASN A 15 2.89 20.86 21.03
N LEU A 16 2.18 20.99 22.16
CA LEU A 16 2.56 21.97 23.17
C LEU A 16 3.94 21.69 23.73
N LEU A 17 4.20 20.44 24.11
CA LEU A 17 5.52 20.08 24.60
C LEU A 17 6.60 20.27 23.55
N ASN A 18 6.26 20.04 22.28
CA ASN A 18 7.23 20.23 21.20
C ASN A 18 7.59 21.69 21.05
N LYS A 19 6.57 22.56 21.00
CA LYS A 19 6.80 24.00 21.01
C LYS A 19 7.68 24.43 22.17
N TRP A 20 7.41 23.90 23.37
CA TRP A 20 8.25 24.25 24.52
C TRP A 20 9.70 23.86 24.27
N HIS A 21 9.93 22.65 23.75
CA HIS A 21 11.27 22.25 23.36
C HIS A 21 11.87 23.26 22.38
N ASP A 22 11.05 23.74 21.44
CA ASP A 22 11.53 24.72 20.47
C ASP A 22 11.90 26.04 21.14
N TYR A 23 11.23 26.41 22.22
CA TYR A 23 11.52 27.67 22.89
C TYR A 23 12.79 27.58 23.72
N ILE A 24 13.05 26.43 24.35
CA ILE A 24 14.31 26.21 25.03
C ILE A 24 15.47 26.25 24.03
N MET A 25 15.24 25.77 22.81
CA MET A 25 16.30 25.77 21.80
C MET A 25 16.66 27.17 21.36
N GLN A 26 15.70 28.09 21.35
CA GLN A 26 15.95 29.47 20.99
C GLN A 26 16.35 30.33 22.19
N GLU A 27 16.51 29.71 23.36
CA GLU A 27 16.98 30.40 24.57
C GLU A 27 16.09 31.60 24.89
N LYS A 28 14.82 31.30 25.19
CA LYS A 28 13.76 32.30 25.31
C LYS A 28 12.96 32.03 26.58
N VAL A 29 13.35 32.70 27.67
CA VAL A 29 12.76 32.45 28.99
C VAL A 29 11.25 32.66 28.97
N HIS A 30 10.79 33.74 28.34
CA HIS A 30 9.46 34.27 28.63
C HIS A 30 8.36 33.36 28.08
N GLU A 31 8.47 32.94 26.82
CA GLU A 31 7.47 32.02 26.29
C GLU A 31 7.68 30.59 26.76
N SER A 32 8.86 30.27 27.29
CA SER A 32 9.06 28.94 27.87
C SER A 32 8.31 28.79 29.18
N ILE A 33 8.35 29.81 30.04
CA ILE A 33 7.59 29.74 31.29
C ILE A 33 6.09 29.73 31.01
N GLU A 34 5.66 30.39 29.93
CA GLU A 34 4.25 30.41 29.58
C GLU A 34 3.75 29.01 29.23
N LYS A 35 4.34 28.40 28.20
CA LYS A 35 3.88 27.09 27.75
C LYS A 35 4.07 26.03 28.82
N ARG A 36 5.13 26.13 29.60
CA ARG A 36 5.37 25.12 30.62
C ARG A 36 4.32 25.20 31.73
N THR A 37 3.61 26.32 31.84
CA THR A 37 2.55 26.46 32.83
C THR A 37 1.20 25.96 32.31
N GLU A 38 0.86 26.29 31.07
CA GLU A 38 -0.34 25.70 30.46
C GLU A 38 -0.25 24.18 30.45
N ILE A 39 0.91 23.64 30.06
CA ILE A 39 1.08 22.19 30.04
C ILE A 39 0.98 21.63 31.45
N LYS A 40 1.70 22.25 32.40
CA LYS A 40 1.63 21.84 33.79
C LYS A 40 0.18 21.86 34.28
N GLN A 41 -0.58 22.88 33.89
CA GLN A 41 -2.02 22.91 34.17
C GLN A 41 -2.73 21.79 33.42
N LEU A 42 -2.51 21.72 32.11
CA LEU A 42 -3.27 20.80 31.26
C LEU A 42 -3.01 19.35 31.63
N LEU A 43 -1.81 19.01 32.11
CA LEU A 43 -1.55 17.60 32.39
C LEU A 43 -2.14 17.14 33.71
N SER A 44 -2.90 17.98 34.40
CA SER A 44 -3.53 17.52 35.63
C SER A 44 -4.78 16.70 35.37
N GLN A 45 -5.22 16.55 34.12
CA GLN A 45 -6.37 15.69 33.84
C GLN A 45 -5.97 14.23 33.95
N ALA A 46 -6.74 13.45 34.72
CA ALA A 46 -6.49 12.02 34.84
C ALA A 46 -6.73 11.36 33.49
N GLU A 47 -5.67 11.10 32.73
CA GLU A 47 -5.82 10.58 31.38
C GLU A 47 -4.54 9.85 31.00
N ASP A 48 -4.61 8.52 30.99
CA ASP A 48 -3.48 7.60 30.84
C ASP A 48 -2.53 7.94 29.69
N ASN A 49 -1.44 8.63 30.00
CA ASN A 49 -0.31 8.73 29.08
C ASN A 49 0.96 8.84 29.92
N LYS A 50 1.68 7.71 30.05
CA LYS A 50 3.02 7.75 30.64
C LYS A 50 3.92 8.73 29.91
N ASP A 51 3.94 8.64 28.57
CA ASP A 51 4.96 9.30 27.77
C ASP A 51 4.86 10.81 27.83
N LEU A 52 3.66 11.35 28.03
CA LEU A 52 3.53 12.80 28.18
C LEU A 52 4.23 13.27 29.45
N VAL A 53 3.89 12.67 30.60
CA VAL A 53 4.51 13.04 31.87
C VAL A 53 6.03 12.92 31.76
N ASP A 54 6.51 11.82 31.19
CA ASP A 54 7.95 11.62 31.05
C ASP A 54 8.58 12.74 30.24
N TYR A 55 7.95 13.14 29.14
CA TYR A 55 8.49 14.20 28.30
C TYR A 55 8.48 15.54 29.01
N PHE A 56 7.48 15.78 29.86
CA PHE A 56 7.43 16.99 30.67
C PHE A 56 8.64 17.09 31.59
N ILE A 57 8.87 16.04 32.39
CA ILE A 57 10.03 15.98 33.27
C ILE A 57 11.32 16.23 32.49
N LEU A 58 11.51 15.47 31.40
CA LEU A 58 12.72 15.61 30.59
C LEU A 58 12.89 17.00 30.03
N LEU A 59 11.80 17.74 29.86
CA LEU A 59 11.88 19.12 29.40
C LEU A 59 12.00 20.10 30.57
N ASP A 60 11.26 19.84 31.65
CA ASP A 60 11.35 20.67 32.85
C ASP A 60 12.79 20.78 33.33
N HIS A 61 13.52 19.67 33.35
CA HIS A 61 14.91 19.69 33.80
C HIS A 61 15.77 20.52 32.85
N ARG A 62 15.59 20.36 31.54
CA ARG A 62 16.36 21.13 30.58
C ARG A 62 15.91 22.58 30.55
N HIS A 63 14.65 22.85 30.93
CA HIS A 63 14.20 24.23 31.14
C HIS A 63 14.97 24.87 32.29
N SER A 64 15.00 24.20 33.44
CA SER A 64 15.74 24.67 34.60
C SER A 64 17.20 25.00 34.25
N LEU A 65 17.90 24.04 33.64
CA LEU A 65 19.33 24.22 33.38
C LEU A 65 19.62 25.39 32.46
N CYS A 66 18.65 25.86 31.68
CA CYS A 66 18.92 26.98 30.80
C CYS A 66 18.40 28.30 31.33
N PHE A 67 17.46 28.29 32.29
CA PHE A 67 16.80 29.50 32.75
C PHE A 67 16.87 29.67 34.26
N ASP A 68 16.76 28.57 35.02
CA ASP A 68 16.84 28.57 36.48
C ASP A 68 18.27 28.36 36.97
N GLN A 69 18.92 27.33 36.42
CA GLN A 69 20.17 26.76 36.96
C GLN A 69 19.99 26.27 38.40
N GLU A 70 18.91 25.51 38.60
CA GLU A 70 18.72 24.59 39.72
C GLU A 70 18.45 25.21 41.09
N ALA A 71 18.85 26.47 41.30
CA ALA A 71 18.69 27.14 42.59
C ALA A 71 19.52 26.51 43.69
N SER A 72 20.56 25.74 43.33
CA SER A 72 21.51 25.20 44.29
C SER A 72 22.93 25.68 44.09
N MET A 73 23.23 26.35 42.97
CA MET A 73 24.54 26.92 42.66
C MET A 73 25.50 25.78 42.33
N GLY A 74 25.13 24.99 41.33
CA GLY A 74 25.98 23.96 40.76
C GLY A 74 26.83 24.46 39.60
N ASP A 75 27.39 23.50 38.87
CA ASP A 75 28.25 23.75 37.71
C ASP A 75 27.55 23.39 36.41
N VAL A 76 26.93 22.20 36.37
CA VAL A 76 26.12 21.69 35.26
C VAL A 76 26.65 22.07 33.87
N VAL A 77 27.89 21.69 33.59
CA VAL A 77 28.51 21.87 32.29
C VAL A 77 28.51 20.50 31.62
N ASN A 78 27.53 20.26 30.74
CA ASN A 78 27.29 19.00 30.04
C ASN A 78 27.73 17.80 30.87
N MET A 79 26.83 17.33 31.73
CA MET A 79 27.16 16.21 32.60
C MET A 79 27.01 14.90 31.85
N LEU A 80 27.36 13.80 32.53
CA LEU A 80 27.30 12.49 31.90
C LEU A 80 25.90 12.18 31.38
N SER A 81 24.88 12.59 32.13
CA SER A 81 23.50 12.28 31.79
C SER A 81 22.98 13.10 30.61
N LYS A 82 23.70 14.13 30.17
CA LYS A 82 23.21 14.96 29.06
C LYS A 82 23.09 14.14 27.78
N GLY A 83 24.11 13.34 27.47
CA GLY A 83 24.06 12.48 26.29
C GLY A 83 22.78 11.70 26.17
N SER A 84 22.38 11.02 27.24
CA SER A 84 21.21 10.14 27.18
C SER A 84 19.90 10.90 27.25
N HIS A 85 19.87 12.03 27.96
CA HIS A 85 18.67 12.88 27.96
C HIS A 85 18.41 13.45 26.58
N ASP A 86 19.45 13.99 25.94
CA ASP A 86 19.37 14.40 24.53
C ASP A 86 18.66 13.35 23.68
N LEU A 87 19.10 12.10 23.80
CA LEU A 87 18.56 11.03 22.96
C LEU A 87 17.07 10.81 23.22
N LEU A 88 16.69 10.75 24.50
CA LEU A 88 15.27 10.60 24.84
C LEU A 88 14.44 11.79 24.35
N ILE A 89 14.97 13.01 24.52
CA ILE A 89 14.22 14.19 24.12
C ILE A 89 14.00 14.19 22.61
N ASN A 90 15.07 13.93 21.84
CA ASN A 90 14.95 13.83 20.39
C ASN A 90 13.90 12.82 19.99
N PHE A 91 13.84 11.69 20.69
CA PHE A 91 12.85 10.66 20.39
C PHE A 91 11.44 11.15 20.68
N TYR A 92 11.21 11.65 21.89
CA TYR A 92 9.87 12.13 22.25
C TYR A 92 9.39 13.23 21.32
N PHE A 93 10.30 14.13 20.93
CA PHE A 93 9.93 15.20 20.01
C PHE A 93 9.35 14.66 18.72
N GLU A 94 9.92 13.57 18.21
CA GLU A 94 9.47 13.04 16.92
C GLU A 94 8.26 12.13 17.06
N LEU A 95 8.16 11.38 18.16
CA LEU A 95 6.96 10.59 18.41
C LEU A 95 5.73 11.50 18.50
N PHE A 96 5.83 12.60 19.23
CA PHE A 96 4.68 13.46 19.43
C PHE A 96 4.41 14.34 18.22
N ALA A 97 5.45 14.77 17.50
CA ALA A 97 5.23 15.39 16.21
C ALA A 97 4.49 14.46 15.27
N GLY A 98 4.86 13.18 15.27
CA GLY A 98 4.12 12.19 14.49
C GLY A 98 2.66 12.12 14.89
N ASP A 99 2.39 12.02 16.20
CA ASP A 99 1.03 11.96 16.70
C ASP A 99 0.24 13.21 16.30
N TYR A 100 0.89 14.37 16.33
CA TYR A 100 0.19 15.61 15.98
C TYR A 100 -0.13 15.67 14.50
N GLU A 101 0.81 15.25 13.65
CA GLU A 101 0.52 15.22 12.22
C GLU A 101 -0.60 14.24 11.92
N PHE A 102 -0.57 13.06 12.56
CA PHE A 102 -1.69 12.13 12.47
C PHE A 102 -2.98 12.80 12.90
N PHE A 103 -2.91 13.70 13.88
CA PHE A 103 -4.09 14.40 14.36
C PHE A 103 -4.65 15.33 13.28
N LYS A 104 -3.78 16.06 12.58
CA LYS A 104 -4.20 16.94 11.49
C LYS A 104 -4.56 16.21 10.21
N LYS A 105 -4.61 14.88 10.21
CA LYS A 105 -4.95 14.05 9.05
C LYS A 105 -3.83 14.02 8.02
N ASN A 106 -2.62 14.47 8.37
CA ASN A 106 -1.48 14.49 7.44
C ASN A 106 -0.68 13.21 7.67
N TYR A 107 -1.18 12.13 7.07
CA TYR A 107 -0.69 10.79 7.43
C TYR A 107 0.70 10.52 6.88
N VAL A 108 1.02 11.03 5.69
CA VAL A 108 2.36 10.81 5.14
C VAL A 108 3.42 11.44 6.03
N LYS A 109 3.18 12.68 6.48
CA LYS A 109 4.09 13.33 7.40
C LYS A 109 4.22 12.53 8.70
N ALA A 110 3.11 12.01 9.19
CA ALA A 110 3.11 11.24 10.43
C ALA A 110 4.01 10.01 10.34
N ILE A 111 3.86 9.24 9.25
CA ILE A 111 4.71 8.07 9.04
C ILE A 111 6.18 8.49 8.99
N SER A 112 6.47 9.57 8.27
CA SER A 112 7.83 10.10 8.22
C SER A 112 8.40 10.31 9.61
N PHE A 113 7.63 10.96 10.51
CA PHE A 113 8.10 11.20 11.86
C PHE A 113 8.18 9.91 12.67
N TYR A 114 7.18 9.04 12.53
CA TYR A 114 7.21 7.77 13.26
C TYR A 114 8.44 6.96 12.88
N GLU A 115 8.74 6.90 11.58
CA GLU A 115 9.87 6.11 11.12
C GLU A 115 11.19 6.67 11.63
N LYS A 116 11.28 8.00 11.76
CA LYS A 116 12.46 8.60 12.38
C LYS A 116 12.56 8.22 13.84
N ALA A 117 11.44 8.28 14.57
CA ALA A 117 11.45 7.90 15.98
C ALA A 117 11.68 6.40 16.15
N GLU A 118 11.14 5.59 15.23
CA GLU A 118 11.38 4.15 15.27
C GLU A 118 12.86 3.83 15.19
N GLN A 119 13.63 4.62 14.43
CA GLN A 119 15.06 4.36 14.35
C GLN A 119 15.73 4.52 15.69
N LYS A 120 15.50 5.66 16.35
CA LYS A 120 16.16 5.94 17.62
C LYS A 120 15.74 4.97 18.70
N LEU A 121 14.68 4.20 18.47
CA LEU A 121 14.23 3.22 19.44
C LEU A 121 15.24 2.10 19.61
N SER A 122 16.08 1.84 18.61
CA SER A 122 17.00 0.72 18.73
C SER A 122 18.13 1.04 19.71
N SER A 123 18.64 2.26 19.70
CA SER A 123 19.77 2.68 20.53
C SER A 123 19.37 3.18 21.92
N ILE A 124 18.48 2.47 22.62
CA ILE A 124 18.02 2.88 23.95
C ILE A 124 17.94 1.66 24.88
N PRO A 125 18.29 1.79 26.16
CA PRO A 125 18.30 0.62 27.05
C PRO A 125 16.94 0.28 27.65
N ASN A 126 16.87 -0.92 28.22
CA ASN A 126 15.68 -1.49 28.87
C ASN A 126 14.37 -1.30 28.12
N ILE A 127 14.38 -1.48 26.81
CA ILE A 127 13.17 -1.30 25.99
C ILE A 127 12.35 -2.58 25.98
N GLU A 128 11.05 -2.42 26.17
CA GLU A 128 10.15 -3.54 26.11
C GLU A 128 9.86 -3.88 24.64
N GLU A 129 9.52 -5.15 24.39
CA GLU A 129 9.14 -5.57 23.05
C GLU A 129 7.96 -4.76 22.51
N THR A 130 7.16 -4.17 23.40
CA THR A 130 5.89 -3.59 23.00
C THR A 130 6.07 -2.17 22.48
N LYS A 131 7.09 -1.45 22.96
CA LYS A 131 7.37 -0.14 22.41
C LYS A 131 7.71 -0.20 20.92
N PHE A 132 8.16 -1.37 20.44
CA PHE A 132 8.35 -1.56 19.01
C PHE A 132 7.03 -1.86 18.32
N ALA A 133 6.20 -2.69 18.94
CA ALA A 133 4.87 -2.96 18.43
C ALA A 133 4.04 -1.70 18.30
N GLU A 134 4.20 -0.77 19.26
CA GLU A 134 3.45 0.49 19.21
C GLU A 134 3.70 1.23 17.91
N PHE A 135 4.96 1.32 17.49
CA PHE A 135 5.28 2.00 16.24
C PHE A 135 4.82 1.18 15.04
N HIS A 136 4.94 -0.15 15.13
CA HIS A 136 4.36 -1.00 14.10
C HIS A 136 2.88 -0.70 13.91
N TYR A 137 2.16 -0.58 15.02
CA TYR A 137 0.72 -0.32 14.98
C TYR A 137 0.44 1.09 14.44
N LYS A 138 1.06 2.11 15.04
CA LYS A 138 0.83 3.49 14.60
C LYS A 138 1.13 3.69 13.11
N ILE A 139 2.28 3.18 12.65
CA ILE A 139 2.59 3.25 11.23
C ILE A 139 1.57 2.47 10.42
N GLY A 140 1.20 1.28 10.91
CA GLY A 140 0.25 0.46 10.18
C GLY A 140 -1.11 1.13 10.01
N VAL A 141 -1.58 1.83 11.04
CA VAL A 141 -2.89 2.48 10.94
C VAL A 141 -2.79 3.74 10.08
N ALA A 142 -1.70 4.49 10.19
CA ALA A 142 -1.51 5.65 9.31
C ALA A 142 -1.52 5.23 7.85
N TYR A 143 -0.90 4.10 7.53
CA TYR A 143 -0.94 3.58 6.17
C TYR A 143 -2.36 3.16 5.79
N TYR A 144 -3.13 2.63 6.75
CA TYR A 144 -4.51 2.30 6.47
C TYR A 144 -5.31 3.55 6.13
N GLU A 145 -4.97 4.68 6.73
CA GLU A 145 -5.69 5.92 6.47
C GLU A 145 -5.53 6.39 5.04
N ILE A 146 -4.45 5.98 4.38
CA ILE A 146 -4.21 6.39 3.00
C ILE A 146 -4.33 5.17 2.09
N ASP A 147 -5.20 4.22 2.48
CA ASP A 147 -5.65 3.12 1.61
C ASP A 147 -4.49 2.26 1.10
N GLN A 148 -3.40 2.17 1.88
CA GLN A 148 -2.28 1.30 1.56
C GLN A 148 -2.40 0.02 2.39
N HIS A 149 -3.37 -0.80 2.00
CA HIS A 149 -3.85 -1.84 2.91
C HIS A 149 -2.84 -2.98 3.07
N LEU A 150 -2.10 -3.31 2.01
CA LEU A 150 -1.18 -4.44 2.10
C LEU A 150 -0.05 -4.17 3.07
N VAL A 151 0.49 -2.94 3.07
CA VAL A 151 1.55 -2.63 4.03
C VAL A 151 0.97 -2.53 5.44
N SER A 152 -0.27 -2.02 5.57
CA SER A 152 -0.91 -1.92 6.87
C SER A 152 -1.08 -3.29 7.51
N VAL A 153 -1.57 -4.27 6.76
CA VAL A 153 -1.67 -5.63 7.27
C VAL A 153 -0.29 -6.15 7.67
N ASN A 154 0.73 -5.80 6.87
CA ASN A 154 2.08 -6.28 7.14
C ASN A 154 2.60 -5.75 8.46
N LYS A 155 2.41 -4.45 8.72
CA LYS A 155 2.96 -3.82 9.91
C LYS A 155 2.17 -4.18 11.17
N VAL A 156 0.83 -4.25 11.07
CA VAL A 156 0.02 -4.52 12.24
C VAL A 156 0.06 -5.99 12.61
N THR A 157 0.35 -6.88 11.64
CA THR A 157 0.68 -8.25 12.00
C THR A 157 1.95 -8.31 12.83
N LYS A 158 2.95 -7.50 12.47
CA LYS A 158 4.19 -7.47 13.24
C LYS A 158 3.92 -7.07 14.68
N ALA A 159 3.06 -6.07 14.88
CA ALA A 159 2.64 -5.70 16.22
C ALA A 159 1.90 -6.84 16.89
N ARG A 160 0.96 -7.46 16.17
CA ARG A 160 0.16 -8.54 16.75
C ARG A 160 1.04 -9.68 17.26
N ASP A 161 2.10 -10.01 16.52
CA ASP A 161 2.96 -11.13 16.91
C ASP A 161 3.69 -10.86 18.22
N ILE A 162 4.07 -9.60 18.47
CA ILE A 162 4.67 -9.25 19.75
C ILE A 162 3.60 -9.28 20.85
N TYR A 163 2.45 -8.65 20.60
CA TYR A 163 1.40 -8.60 21.61
C TYR A 163 0.86 -9.99 21.93
N LYS A 164 1.00 -10.95 21.02
CA LYS A 164 0.59 -12.33 21.32
C LYS A 164 1.57 -12.99 22.28
N LYS A 165 2.87 -12.72 22.11
CA LYS A 165 3.89 -13.36 22.94
C LYS A 165 3.70 -13.05 24.41
N SER A 166 3.54 -11.76 24.74
CA SER A 166 3.40 -11.33 26.13
C SER A 166 2.24 -12.03 26.82
N ASP A 167 1.11 -12.20 26.12
CA ASP A 167 -0.12 -12.75 26.67
C ASP A 167 -0.62 -11.90 27.84
N MET A 168 0.06 -10.78 28.12
CA MET A 168 -0.48 -9.78 29.03
C MET A 168 -1.12 -8.64 28.25
N TRP A 169 -0.61 -8.37 27.06
CA TRP A 169 -1.10 -7.33 26.14
C TRP A 169 -2.01 -7.93 25.08
N ASN A 170 -3.00 -8.74 25.47
CA ASN A 170 -3.89 -9.31 24.47
C ASN A 170 -5.08 -8.40 24.14
N LEU A 171 -5.38 -7.40 24.97
CA LEU A 171 -6.37 -6.41 24.55
C LEU A 171 -5.85 -5.62 23.35
N GLU A 172 -4.53 -5.42 23.28
CA GLU A 172 -3.95 -4.78 22.11
C GLU A 172 -3.96 -5.73 20.92
N ALA A 173 -3.63 -7.01 21.15
CA ALA A 173 -3.68 -8.01 20.09
C ALA A 173 -5.07 -8.07 19.44
N ILE A 174 -6.12 -7.96 20.24
CA ILE A 174 -7.48 -7.94 19.69
C ILE A 174 -7.66 -6.74 18.77
N GLN A 175 -7.19 -5.57 19.20
CA GLN A 175 -7.26 -4.38 18.36
C GLN A 175 -6.45 -4.55 17.08
N CYS A 176 -5.29 -5.22 17.17
CA CYS A 176 -4.49 -5.47 15.97
C CYS A 176 -5.25 -6.33 14.97
N SER A 177 -5.84 -7.44 15.43
CA SER A 177 -6.58 -8.29 14.51
C SER A 177 -7.83 -7.59 14.00
N LEU A 178 -8.40 -6.69 14.81
CA LEU A 178 -9.46 -5.82 14.32
C LEU A 178 -8.98 -4.99 13.12
N VAL A 179 -7.74 -4.49 13.17
CA VAL A 179 -7.24 -3.62 12.13
C VAL A 179 -6.85 -4.40 10.89
N VAL A 180 -6.25 -5.58 11.06
CA VAL A 180 -5.98 -6.46 9.92
C VAL A 180 -7.29 -6.81 9.20
N GLY A 181 -8.31 -7.20 9.96
CA GLY A 181 -9.59 -7.53 9.35
C GLY A 181 -10.19 -6.38 8.55
N ILE A 182 -10.09 -5.15 9.09
CA ILE A 182 -10.67 -4.00 8.40
C ILE A 182 -9.96 -3.75 7.08
N ASN A 183 -8.63 -3.81 7.10
CA ASN A 183 -7.86 -3.74 5.87
C ASN A 183 -8.34 -4.76 4.85
N LEU A 184 -8.41 -6.03 5.27
CA LEU A 184 -8.85 -7.10 4.36
C LEU A 184 -10.24 -6.84 3.82
N TYR A 185 -11.09 -6.18 4.59
CA TYR A 185 -12.44 -5.88 4.13
C TYR A 185 -12.44 -4.73 3.13
N ASP A 186 -11.72 -3.66 3.44
CA ASP A 186 -11.54 -2.56 2.50
C ASP A 186 -10.99 -3.04 1.17
N MET A 187 -10.16 -4.09 1.19
CA MET A 187 -9.69 -4.67 -0.07
C MET A 187 -10.81 -5.40 -0.79
N GLY A 188 -11.51 -6.29 -0.07
CA GLY A 188 -12.55 -7.10 -0.68
C GLY A 188 -12.37 -8.57 -0.39
N ARG A 189 -11.29 -8.90 0.33
CA ARG A 189 -10.97 -10.28 0.70
C ARG A 189 -11.84 -10.64 1.91
N LEU A 190 -13.11 -10.90 1.62
CA LEU A 190 -14.14 -10.89 2.66
C LEU A 190 -14.03 -12.10 3.59
N ASP A 191 -13.71 -13.28 3.06
CA ASP A 191 -13.64 -14.45 3.93
C ASP A 191 -12.42 -14.40 4.83
N ASP A 192 -11.34 -13.77 4.38
CA ASP A 192 -10.17 -13.60 5.24
C ASP A 192 -10.45 -12.57 6.33
N ALA A 193 -11.15 -11.49 5.97
CA ALA A 193 -11.58 -10.52 6.99
C ALA A 193 -12.50 -11.19 8.00
N ASP A 194 -13.45 -11.97 7.53
CA ASP A 194 -14.34 -12.74 8.40
C ASP A 194 -13.53 -13.53 9.42
N ALA A 195 -12.52 -14.26 8.96
CA ALA A 195 -11.74 -15.13 9.84
C ALA A 195 -11.07 -14.32 10.96
N TYR A 196 -10.40 -13.23 10.60
CA TYR A 196 -9.78 -12.36 11.59
C TYR A 196 -10.81 -11.82 12.58
N PHE A 197 -11.96 -11.34 12.07
CA PHE A 197 -12.98 -10.79 12.95
C PHE A 197 -13.50 -11.84 13.93
N ARG A 198 -13.81 -13.04 13.43
CA ARG A 198 -14.29 -14.09 14.32
C ARG A 198 -13.21 -14.50 15.31
N ASP A 199 -11.95 -14.47 14.90
CA ASP A 199 -10.88 -14.84 15.82
C ASP A 199 -10.68 -13.78 16.90
N ALA A 200 -10.87 -12.51 16.55
CA ALA A 200 -10.85 -11.46 17.57
C ALA A 200 -12.05 -11.58 18.51
N LEU A 201 -13.20 -12.00 17.99
CA LEU A 201 -14.39 -12.10 18.82
C LEU A 201 -14.24 -13.18 19.88
N THR A 202 -13.78 -14.37 19.48
CA THR A 202 -13.60 -15.45 20.44
C THR A 202 -12.49 -15.12 21.44
N GLU A 203 -11.44 -14.42 20.99
CA GLU A 203 -10.41 -13.97 21.92
C GLU A 203 -10.95 -12.91 22.87
N ALA A 204 -11.86 -12.06 22.40
CA ALA A 204 -12.47 -11.06 23.26
C ALA A 204 -13.45 -11.68 24.25
N LEU A 205 -14.13 -12.76 23.84
CA LEU A 205 -15.05 -13.44 24.74
C LEU A 205 -14.34 -14.31 25.76
N ASP A 206 -13.29 -15.03 25.34
CA ASP A 206 -12.53 -15.88 26.26
C ASP A 206 -11.98 -15.08 27.43
N HIS A 207 -11.46 -13.88 27.15
CA HIS A 207 -11.06 -12.97 28.20
C HIS A 207 -12.22 -12.02 28.52
N GLY A 208 -12.06 -11.25 29.59
CA GLY A 208 -13.11 -10.33 30.03
C GLY A 208 -13.09 -8.99 29.34
N TYR A 209 -13.72 -8.87 28.17
CA TYR A 209 -13.66 -7.63 27.40
C TYR A 209 -14.99 -7.34 26.72
N ASP A 210 -15.42 -6.08 26.81
CA ASP A 210 -16.61 -5.58 26.14
C ASP A 210 -16.33 -4.41 25.21
N LYS A 211 -15.30 -3.62 25.48
CA LYS A 211 -14.93 -2.48 24.63
C LYS A 211 -14.88 -2.82 23.14
N PRO A 212 -14.14 -3.86 22.68
CA PRO A 212 -13.99 -4.05 21.24
C PRO A 212 -15.20 -4.70 20.57
N ILE A 213 -15.88 -5.58 21.30
CA ILE A 213 -17.00 -6.39 20.83
C ILE A 213 -17.91 -5.68 19.85
N THR A 214 -18.36 -4.47 20.20
CA THR A 214 -19.31 -3.75 19.35
C THR A 214 -18.72 -3.48 17.97
N LYS A 215 -17.49 -2.97 17.91
CA LYS A 215 -16.85 -2.76 16.62
C LYS A 215 -16.64 -4.07 15.87
N ILE A 216 -16.28 -5.13 16.60
CA ILE A 216 -16.11 -6.45 15.98
C ILE A 216 -17.39 -6.88 15.28
N TYR A 217 -18.52 -6.81 15.98
CA TYR A 217 -19.79 -7.22 15.40
C TYR A 217 -20.18 -6.32 14.22
N HIS A 218 -19.86 -5.03 14.28
CA HIS A 218 -20.24 -4.13 13.20
C HIS A 218 -19.46 -4.46 11.93
N ASN A 219 -18.18 -4.82 12.08
CA ASN A 219 -17.38 -5.21 10.92
C ASN A 219 -17.83 -6.54 10.34
N LEU A 220 -18.06 -7.54 11.20
CA LEU A 220 -18.68 -8.78 10.73
C LEU A 220 -19.97 -8.50 9.99
N GLY A 221 -20.78 -7.57 10.50
CA GLY A 221 -21.96 -7.14 9.78
C GLY A 221 -21.64 -6.57 8.41
N LEU A 222 -20.58 -5.75 8.34
CA LEU A 222 -20.19 -5.17 7.06
C LEU A 222 -19.74 -6.24 6.07
N VAL A 223 -18.90 -7.17 6.54
CA VAL A 223 -18.39 -8.26 5.70
C VAL A 223 -19.55 -8.97 5.00
N HIS A 224 -20.48 -9.52 5.78
CA HIS A 224 -21.57 -10.30 5.21
C HIS A 224 -22.57 -9.42 4.45
N TRP A 225 -22.64 -8.13 4.79
CA TRP A 225 -23.37 -7.21 3.94
C TRP A 225 -22.78 -7.17 2.54
N GLN A 226 -21.48 -6.87 2.45
CA GLN A 226 -20.79 -6.95 1.16
C GLN A 226 -20.82 -8.36 0.59
N LYS A 227 -20.93 -9.39 1.43
CA LYS A 227 -21.05 -10.75 0.92
C LYS A 227 -22.43 -11.04 0.34
N GLY A 228 -23.41 -10.20 0.63
CA GLY A 228 -24.75 -10.35 0.11
C GLY A 228 -25.71 -11.14 0.96
N SER A 229 -25.22 -11.85 1.99
CA SER A 229 -26.10 -12.55 2.93
C SER A 229 -26.58 -11.53 3.95
N LEU A 230 -27.66 -10.83 3.59
CA LEU A 230 -28.15 -9.71 4.39
C LEU A 230 -28.80 -10.17 5.67
N GLU A 231 -29.44 -11.34 5.67
CA GLU A 231 -30.04 -11.87 6.89
C GLU A 231 -29.03 -11.94 8.03
N LEU A 232 -27.86 -12.51 7.74
CA LEU A 232 -26.82 -12.63 8.77
C LEU A 232 -26.13 -11.31 9.03
N ALA A 233 -25.97 -10.48 8.00
CA ALA A 233 -25.46 -9.13 8.21
C ALA A 233 -26.34 -8.36 9.18
N LEU A 234 -27.66 -8.37 8.92
CA LEU A 234 -28.61 -7.71 9.81
C LEU A 234 -28.47 -8.21 11.25
N HIS A 235 -28.28 -9.52 11.41
CA HIS A 235 -28.06 -10.12 12.72
C HIS A 235 -26.91 -9.45 13.45
N TYR A 236 -25.77 -9.26 12.76
CA TYR A 236 -24.59 -8.72 13.43
C TYR A 236 -24.76 -7.25 13.79
N PHE A 237 -25.41 -6.47 12.92
CA PHE A 237 -25.64 -5.06 13.22
C PHE A 237 -26.54 -4.89 14.43
N ARG A 238 -27.55 -5.76 14.57
CA ARG A 238 -28.36 -5.79 15.77
C ARG A 238 -27.50 -6.02 17.01
N GLU A 239 -26.60 -7.00 16.95
CA GLU A 239 -25.77 -7.32 18.10
C GLU A 239 -24.80 -6.19 18.42
N ALA A 240 -24.33 -5.46 17.39
CA ALA A 240 -23.47 -4.31 17.65
C ALA A 240 -24.20 -3.24 18.45
N TYR A 241 -25.45 -2.95 18.08
CA TYR A 241 -26.26 -1.98 18.81
C TYR A 241 -26.54 -2.46 20.23
N SER A 242 -26.83 -3.75 20.39
CA SER A 242 -27.17 -4.29 21.69
C SER A 242 -25.98 -4.29 22.66
N HIS A 243 -24.77 -4.60 22.16
CA HIS A 243 -23.70 -5.01 23.05
C HIS A 243 -23.16 -3.86 23.90
N GLU A 244 -23.21 -2.63 23.41
CA GLU A 244 -22.90 -1.49 24.24
C GLU A 244 -24.07 -0.52 24.15
N TRP A 245 -24.18 0.34 25.16
CA TRP A 245 -25.20 1.37 25.14
C TRP A 245 -24.68 2.44 24.19
N LEU A 246 -25.08 2.34 22.93
CA LEU A 246 -24.53 3.17 21.86
C LEU A 246 -25.33 4.45 21.65
N ARG A 247 -26.46 4.60 22.35
CA ARG A 247 -27.32 5.78 22.23
C ARG A 247 -26.61 7.07 22.62
N ASP A 248 -25.44 6.99 23.26
CA ASP A 248 -24.72 8.18 23.69
C ASP A 248 -23.25 8.20 23.24
N SER A 249 -22.82 7.23 22.41
CA SER A 249 -21.52 7.47 21.79
C SER A 249 -21.70 8.22 20.47
N PRO A 250 -20.76 9.11 20.12
CA PRO A 250 -20.75 9.66 18.76
C PRO A 250 -20.43 8.59 17.73
N LYS A 251 -19.61 7.61 18.09
CA LYS A 251 -19.10 6.62 17.15
C LYS A 251 -20.10 5.51 16.87
N GLY A 252 -21.14 5.37 17.69
CA GLY A 252 -22.16 4.39 17.45
C GLY A 252 -23.17 4.78 16.39
N GLN A 253 -22.97 5.93 15.76
CA GLN A 253 -23.83 6.35 14.66
C GLN A 253 -23.79 5.35 13.50
N GLN A 254 -22.62 4.74 13.27
CA GLN A 254 -22.45 3.90 12.08
C GLN A 254 -23.29 2.64 12.15
N THR A 255 -23.56 2.11 13.35
CA THR A 255 -24.41 0.93 13.45
C THR A 255 -25.86 1.25 13.14
N VAL A 256 -26.36 2.39 13.65
CA VAL A 256 -27.73 2.81 13.35
C VAL A 256 -27.93 2.99 11.86
N TYR A 257 -26.94 3.57 11.17
CA TYR A 257 -27.06 3.81 9.74
C TYR A 257 -27.13 2.50 8.96
N MET A 258 -26.20 1.58 9.25
CA MET A 258 -26.19 0.30 8.54
C MET A 258 -27.49 -0.47 8.77
N LEU A 259 -27.97 -0.52 10.02
CA LEU A 259 -29.25 -1.16 10.31
C LEU A 259 -30.34 -0.65 9.38
N SER A 260 -30.48 0.68 9.29
CA SER A 260 -31.48 1.26 8.38
C SER A 260 -31.21 0.86 6.93
N ARG A 261 -29.95 0.98 6.49
CA ARG A 261 -29.64 0.71 5.09
C ARG A 261 -29.86 -0.75 4.73
N VAL A 262 -29.51 -1.67 5.64
CA VAL A 262 -29.73 -3.09 5.37
C VAL A 262 -31.22 -3.38 5.27
N LEU A 263 -32.00 -2.90 6.24
CA LEU A 263 -33.44 -3.14 6.24
C LEU A 263 -34.11 -2.49 5.02
N TYR A 264 -33.54 -1.40 4.51
CA TYR A 264 -34.07 -0.79 3.30
C TYR A 264 -33.67 -1.58 2.06
N THR A 265 -32.51 -2.23 2.08
CA THR A 265 -32.11 -3.04 0.94
C THR A 265 -32.95 -4.31 0.88
N MET A 266 -33.26 -4.87 2.05
CA MET A 266 -34.30 -5.87 2.15
C MET A 266 -35.64 -5.13 2.08
N GLY A 267 -36.76 -5.85 2.15
CA GLY A 267 -38.01 -5.13 2.00
C GLY A 267 -38.64 -4.64 3.30
N GLN A 268 -37.85 -4.59 4.38
CA GLN A 268 -38.37 -4.19 5.69
C GLN A 268 -38.35 -2.66 5.85
N ASN A 269 -39.13 -1.99 5.00
CA ASN A 269 -39.20 -0.53 5.01
C ASN A 269 -39.70 0.03 6.34
N GLU A 270 -40.63 -0.68 7.00
CA GLU A 270 -41.21 -0.16 8.24
C GLU A 270 -40.16 0.02 9.32
N GLU A 271 -39.43 -1.04 9.65
CA GLU A 271 -38.37 -0.93 10.65
C GLU A 271 -37.25 -0.02 10.15
N ALA A 272 -36.90 -0.12 8.87
CA ALA A 272 -35.84 0.69 8.30
C ALA A 272 -36.05 2.18 8.56
N TYR A 273 -37.31 2.63 8.50
CA TYR A 273 -37.60 4.03 8.77
C TYR A 273 -37.40 4.36 10.23
N HIS A 274 -37.65 3.39 11.13
CA HIS A 274 -37.47 3.64 12.55
C HIS A 274 -36.00 3.91 12.87
N TRP A 275 -35.09 3.16 12.25
CA TRP A 275 -33.66 3.43 12.43
C TRP A 275 -33.23 4.69 11.69
N TYR A 276 -33.86 4.99 10.55
CA TYR A 276 -33.63 6.28 9.91
C TYR A 276 -33.95 7.42 10.87
N GLU A 277 -35.15 7.39 11.44
CA GLU A 277 -35.58 8.36 12.45
C GLU A 277 -34.50 8.54 13.52
N LEU A 278 -34.08 7.43 14.14
CA LEU A 278 -33.08 7.50 15.20
C LEU A 278 -31.76 8.06 14.69
N GLY A 279 -31.43 7.83 13.41
CA GLY A 279 -30.14 8.23 12.90
C GLY A 279 -30.11 9.69 12.53
N ILE A 280 -31.23 10.20 12.00
CA ILE A 280 -31.39 11.64 11.84
C ILE A 280 -31.27 12.34 13.18
N GLU A 281 -31.91 11.77 14.20
CA GLU A 281 -31.88 12.38 15.52
C GLU A 281 -30.49 12.34 16.13
N MET A 282 -29.71 11.29 15.84
CA MET A 282 -28.33 11.25 16.30
C MET A 282 -27.49 12.28 15.55
N ALA A 283 -27.77 12.47 14.26
CA ALA A 283 -27.09 13.50 13.48
C ALA A 283 -27.31 14.89 14.06
N ARG A 284 -28.46 15.11 14.70
CA ARG A 284 -28.66 16.33 15.47
C ARG A 284 -27.73 16.42 16.67
N LYS A 285 -27.78 15.40 17.56
CA LYS A 285 -27.03 15.46 18.82
C LYS A 285 -25.57 15.85 18.61
N PHE A 286 -24.94 15.27 17.60
CA PHE A 286 -23.57 15.58 17.25
C PHE A 286 -23.59 16.43 15.99
N ASP A 287 -22.50 17.14 15.72
CA ASP A 287 -22.51 18.00 14.53
C ASP A 287 -22.08 17.22 13.30
N ASP A 288 -22.48 15.96 13.22
CA ASP A 288 -22.10 15.06 12.13
C ASP A 288 -22.96 15.32 10.90
N HIS A 289 -22.43 16.09 9.96
CA HIS A 289 -23.12 16.34 8.69
C HIS A 289 -23.03 15.14 7.74
N GLU A 290 -22.04 14.26 7.92
CA GLU A 290 -21.93 13.12 7.02
C GLU A 290 -23.12 12.20 7.16
N TYR A 291 -23.38 11.75 8.38
CA TYR A 291 -24.45 10.81 8.64
C TYR A 291 -25.82 11.43 8.38
N LYS A 292 -25.92 12.76 8.41
CA LYS A 292 -27.15 13.41 7.95
C LYS A 292 -27.27 13.27 6.43
N ALA A 293 -26.17 13.50 5.72
CA ALA A 293 -26.13 13.29 4.27
C ALA A 293 -26.45 11.84 3.91
N LYS A 294 -25.76 10.90 4.57
CA LYS A 294 -26.01 9.49 4.27
C LYS A 294 -27.45 9.10 4.58
N HIS A 295 -27.98 9.55 5.73
CA HIS A 295 -29.38 9.26 6.03
C HIS A 295 -30.31 10.05 5.13
N ASP A 296 -29.86 11.21 4.62
CA ASP A 296 -30.64 11.95 3.64
C ASP A 296 -30.83 11.14 2.36
N ILE A 297 -29.76 10.50 1.89
CA ILE A 297 -29.85 9.72 0.66
C ILE A 297 -30.82 8.56 0.85
N LEU A 298 -30.75 7.90 2.01
CA LEU A 298 -31.72 6.86 2.34
C LEU A 298 -33.15 7.37 2.23
N TYR A 299 -33.43 8.53 2.81
CA TYR A 299 -34.81 9.02 2.85
C TYR A 299 -35.30 9.38 1.45
N HIS A 300 -34.46 10.04 0.66
CA HIS A 300 -34.84 10.49 -0.66
C HIS A 300 -34.64 9.42 -1.71
N LEU A 301 -34.42 8.18 -1.28
CA LEU A 301 -34.37 7.01 -2.15
C LEU A 301 -35.53 6.06 -1.89
N TYR A 302 -35.80 5.74 -0.62
CA TYR A 302 -36.77 4.72 -0.26
C TYR A 302 -38.09 5.28 0.27
N GLU A 303 -38.13 6.50 0.80
CA GLU A 303 -39.37 7.03 1.34
C GLU A 303 -40.06 7.96 0.35
N GLN A 304 -39.44 9.10 0.04
CA GLN A 304 -39.97 10.05 -0.94
C GLN A 304 -38.90 10.29 -2.00
N PRO A 305 -38.84 9.43 -3.01
CA PRO A 305 -37.80 9.53 -4.04
C PRO A 305 -37.66 10.95 -4.60
N SER A 306 -36.42 11.31 -4.91
CA SER A 306 -36.08 12.59 -5.53
C SER A 306 -34.65 12.53 -6.01
N ILE A 307 -34.47 12.11 -7.27
CA ILE A 307 -33.13 11.88 -7.81
C ILE A 307 -32.26 13.13 -7.66
N ASP A 308 -32.87 14.31 -7.80
CA ASP A 308 -32.11 15.55 -7.65
C ASP A 308 -31.69 15.74 -6.20
N GLU A 309 -32.55 15.36 -5.25
CA GLU A 309 -32.21 15.51 -3.83
C GLU A 309 -31.08 14.57 -3.45
N VAL A 310 -31.08 13.35 -3.98
CA VAL A 310 -30.02 12.40 -3.72
C VAL A 310 -28.69 12.93 -4.25
N LYS A 311 -28.71 13.47 -5.47
CA LYS A 311 -27.51 14.07 -6.06
C LYS A 311 -26.90 15.13 -5.15
N GLN A 312 -27.75 15.97 -4.54
CA GLN A 312 -27.25 17.00 -3.63
C GLN A 312 -26.45 16.39 -2.48
N SER A 313 -27.05 15.44 -1.75
CA SER A 313 -26.39 14.89 -0.57
C SER A 313 -25.15 14.09 -0.95
N LEU A 314 -25.27 13.26 -2.00
CA LEU A 314 -24.10 12.57 -2.54
C LEU A 314 -23.00 13.56 -2.90
N ALA A 315 -23.36 14.64 -3.59
CA ALA A 315 -22.39 15.70 -3.90
C ALA A 315 -21.66 16.17 -2.66
N PHE A 316 -22.38 16.34 -1.55
CA PHE A 316 -21.77 16.78 -0.31
C PHE A 316 -20.72 15.78 0.17
N LEU A 317 -21.02 14.48 0.05
CA LEU A 317 -20.08 13.46 0.49
C LEU A 317 -18.85 13.42 -0.41
N GLU A 318 -19.01 13.71 -1.70
CA GLU A 318 -17.86 13.78 -2.60
C GLU A 318 -16.99 14.98 -2.29
N GLU A 319 -17.57 16.05 -1.76
CA GLU A 319 -16.82 17.22 -1.34
C GLU A 319 -16.02 16.95 -0.06
N ARG A 320 -16.22 15.80 0.58
CA ARG A 320 -15.57 15.48 1.84
C ARG A 320 -14.45 14.47 1.66
N ASN A 321 -14.10 14.14 0.41
CA ASN A 321 -13.13 13.09 0.09
C ASN A 321 -13.47 11.75 0.74
N LEU A 322 -14.75 11.42 0.76
CA LEU A 322 -15.24 10.14 1.28
C LEU A 322 -15.48 9.18 0.14
N TRP A 323 -14.42 8.85 -0.58
CA TRP A 323 -14.64 8.27 -1.90
C TRP A 323 -15.05 6.80 -1.84
N PRO A 324 -14.53 5.98 -0.89
CA PRO A 324 -15.12 4.64 -0.67
C PRO A 324 -16.63 4.61 -0.51
N ASP A 325 -17.18 5.33 0.48
CA ASP A 325 -18.62 5.24 0.73
C ASP A 325 -19.43 5.78 -0.46
N VAL A 326 -18.92 6.82 -1.13
CA VAL A 326 -19.60 7.34 -2.32
C VAL A 326 -19.62 6.27 -3.41
N SER A 327 -18.49 5.62 -3.62
CA SER A 327 -18.42 4.53 -4.59
C SER A 327 -19.48 3.48 -4.30
N LYS A 328 -19.61 3.09 -3.03
CA LYS A 328 -20.56 2.04 -2.69
C LYS A 328 -21.99 2.54 -2.75
N ILE A 329 -22.22 3.78 -2.29
CA ILE A 329 -23.58 4.33 -2.29
C ILE A 329 -24.07 4.51 -3.72
N ALA A 330 -23.23 5.12 -4.58
CA ALA A 330 -23.62 5.33 -5.97
C ALA A 330 -23.86 4.01 -6.68
N LYS A 331 -23.05 2.99 -6.39
CA LYS A 331 -23.27 1.67 -6.98
C LYS A 331 -24.63 1.12 -6.57
N GLY A 332 -24.95 1.19 -5.28
CA GLY A 332 -26.27 0.80 -4.80
C GLY A 332 -27.40 1.43 -5.58
N ILE A 333 -27.36 2.76 -5.71
CA ILE A 333 -28.39 3.48 -6.46
C ILE A 333 -28.54 2.92 -7.87
N SER A 334 -27.42 2.80 -8.58
CA SER A 334 -27.46 2.33 -9.96
C SER A 334 -28.06 0.93 -10.06
N GLU A 335 -27.66 0.02 -9.16
CA GLU A 335 -28.25 -1.30 -9.13
C GLU A 335 -29.76 -1.25 -8.94
N LEU A 336 -30.22 -0.38 -8.03
CA LEU A 336 -31.63 -0.32 -7.70
C LEU A 336 -32.46 0.21 -8.88
N TYR A 337 -32.01 1.33 -9.47
CA TYR A 337 -32.69 1.97 -10.59
C TYR A 337 -32.71 1.16 -11.87
N GLU A 338 -32.19 -0.06 -11.85
CA GLU A 338 -32.21 -0.90 -13.04
C GLU A 338 -33.36 -1.90 -12.97
N LYS A 339 -33.53 -2.56 -11.83
CA LYS A 339 -34.75 -3.33 -11.60
C LYS A 339 -35.97 -2.43 -11.62
N LYS A 340 -35.78 -1.12 -11.45
CA LYS A 340 -36.83 -0.12 -11.63
C LYS A 340 -36.95 0.29 -13.10
N GLY A 341 -36.21 -0.37 -13.99
CA GLY A 341 -36.33 -0.23 -15.42
C GLY A 341 -35.67 1.00 -16.03
N ASP A 342 -35.11 1.90 -15.23
CA ASP A 342 -34.57 3.16 -15.73
C ASP A 342 -33.07 2.98 -15.95
N LEU A 343 -32.69 2.64 -17.18
CA LEU A 343 -31.28 2.50 -17.51
C LEU A 343 -30.58 3.86 -17.54
N VAL A 344 -31.28 4.91 -17.98
CA VAL A 344 -30.65 6.20 -18.24
C VAL A 344 -29.97 6.74 -16.99
N THR A 345 -30.72 6.80 -15.87
CA THR A 345 -30.14 7.37 -14.67
C THR A 345 -29.31 6.36 -13.88
N SER A 346 -29.57 5.06 -14.08
CA SER A 346 -28.65 4.06 -13.53
C SER A 346 -27.25 4.22 -14.11
N HIS A 347 -27.17 4.48 -15.42
CA HIS A 347 -25.87 4.73 -16.05
C HIS A 347 -25.22 5.99 -15.49
N GLU A 348 -26.03 7.03 -15.23
CA GLU A 348 -25.51 8.24 -14.61
C GLU A 348 -24.79 7.96 -13.29
N PHE A 349 -25.33 7.04 -12.49
CA PHE A 349 -24.74 6.77 -11.18
C PHE A 349 -23.58 5.79 -11.26
N LEU A 350 -23.65 4.81 -12.17
CA LEU A 350 -22.51 3.93 -12.37
C LEU A 350 -21.28 4.71 -12.82
N LYS A 351 -21.48 5.69 -13.71
CA LYS A 351 -20.40 6.60 -14.06
C LYS A 351 -19.83 7.29 -12.82
N ARG A 352 -20.70 7.69 -11.88
CA ARG A 352 -20.23 8.35 -10.68
C ARG A 352 -19.58 7.36 -9.73
N ALA A 353 -20.13 6.15 -9.62
CA ALA A 353 -19.51 5.14 -8.79
C ALA A 353 -18.14 4.74 -9.32
N PHE A 354 -17.98 4.78 -10.65
CA PHE A 354 -16.69 4.44 -11.26
C PHE A 354 -15.69 5.57 -11.04
N TYR A 355 -16.10 6.82 -11.31
CA TYR A 355 -15.28 7.98 -10.98
C TYR A 355 -14.82 7.96 -9.52
N ALA A 356 -15.70 7.55 -8.61
CA ALA A 356 -15.32 7.46 -7.21
C ALA A 356 -14.17 6.48 -6.99
N LYS A 357 -14.22 5.33 -7.68
CA LYS A 357 -13.14 4.35 -7.59
C LYS A 357 -11.81 4.96 -7.99
N GLU A 358 -11.78 5.71 -9.10
CA GLU A 358 -10.56 6.37 -9.51
C GLU A 358 -10.11 7.40 -8.50
N GLN A 359 -11.04 7.98 -7.74
CA GLN A 359 -10.67 8.94 -6.71
C GLN A 359 -10.04 8.28 -5.50
N ILE A 360 -10.13 6.96 -5.36
CA ILE A 360 -9.59 6.30 -4.18
C ILE A 360 -8.09 6.05 -4.34
N GLN A 361 -7.62 5.81 -5.56
CA GLN A 361 -6.18 5.65 -5.79
C GLN A 361 -5.47 6.99 -5.64
N ARG A 362 -6.00 8.01 -6.30
CA ARG A 362 -5.55 9.39 -6.16
C ARG A 362 -5.88 9.93 -4.78
N ILE A 363 -4.88 10.10 -3.93
CA ILE A 363 -5.04 10.78 -2.65
C ILE A 363 -3.81 11.66 -2.41
N THR A 364 -4.07 12.92 -2.05
CA THR A 364 -3.02 13.91 -1.86
C THR A 364 -3.09 14.48 -0.45
N GLU A 365 -1.92 14.79 0.10
CA GLU A 365 -1.83 15.42 1.42
C GLU A 365 -1.13 16.78 1.35
N PRO B 9 21.64 -12.23 -15.54
CA PRO B 9 22.00 -13.11 -14.43
C PRO B 9 20.78 -13.79 -13.79
N SER B 10 20.26 -14.85 -14.41
CA SER B 10 18.90 -15.29 -14.14
C SER B 10 18.75 -15.62 -12.66
N PRO B 11 17.59 -15.33 -12.06
CA PRO B 11 17.36 -15.68 -10.66
C PRO B 11 17.10 -17.16 -10.40
N TYR B 12 17.31 -17.99 -11.43
CA TYR B 12 17.27 -19.43 -11.24
C TYR B 12 18.46 -19.92 -10.43
N VAL B 13 19.67 -19.42 -10.73
CA VAL B 13 20.86 -19.85 -10.01
C VAL B 13 20.73 -19.54 -8.52
N GLY B 14 20.11 -18.42 -8.17
CA GLY B 14 19.82 -18.14 -6.78
C GLY B 14 19.00 -19.24 -6.15
N ASN B 15 17.92 -19.65 -6.83
CA ASN B 15 17.12 -20.78 -6.34
C ASN B 15 17.96 -22.05 -6.32
N LEU B 16 18.84 -22.22 -7.32
CA LEU B 16 19.74 -23.36 -7.34
C LEU B 16 20.62 -23.39 -6.10
N LEU B 17 21.25 -22.26 -5.78
CA LEU B 17 22.07 -22.18 -4.58
C LEU B 17 21.25 -22.41 -3.33
N ASN B 18 20.00 -21.96 -3.32
CA ASN B 18 19.14 -22.17 -2.15
C ASN B 18 18.83 -23.66 -1.97
N LYS B 19 18.44 -24.33 -3.05
CA LYS B 19 18.27 -25.78 -3.03
C LYS B 19 19.51 -26.48 -2.48
N TRP B 20 20.69 -26.06 -2.93
CA TRP B 20 21.93 -26.66 -2.43
C TRP B 20 22.05 -26.48 -0.92
N HIS B 21 21.76 -25.27 -0.42
CA HIS B 21 21.74 -25.05 1.02
C HIS B 21 20.82 -26.03 1.71
N ASP B 22 19.65 -26.29 1.12
CA ASP B 22 18.72 -27.24 1.70
C ASP B 22 19.28 -28.65 1.70
N TYR B 23 20.10 -28.99 0.70
CA TYR B 23 20.64 -30.34 0.60
C TYR B 23 21.75 -30.59 1.61
N ILE B 24 22.59 -29.58 1.85
CA ILE B 24 23.59 -29.70 2.92
C ILE B 24 22.91 -29.83 4.26
N MET B 25 21.77 -29.17 4.45
CA MET B 25 21.07 -29.23 5.73
C MET B 25 20.48 -30.60 5.99
N GLN B 26 20.07 -31.30 4.94
CA GLN B 26 19.53 -32.65 5.07
C GLN B 26 20.61 -33.72 4.99
N GLU B 27 21.87 -33.33 4.88
CA GLU B 27 23.01 -34.25 4.89
C GLU B 27 22.85 -35.31 3.79
N LYS B 28 22.90 -34.82 2.56
CA LYS B 28 22.58 -35.60 1.36
C LYS B 28 23.70 -35.33 0.36
N VAL B 29 24.73 -36.19 0.39
CA VAL B 29 25.94 -35.94 -0.39
C VAL B 29 25.61 -35.84 -1.87
N HIS B 30 24.84 -36.80 -2.40
CA HIS B 30 24.82 -37.05 -3.84
C HIS B 30 24.09 -35.95 -4.60
N GLU B 31 22.92 -35.53 -4.13
CA GLU B 31 22.26 -34.42 -4.81
C GLU B 31 22.93 -33.08 -4.49
N SER B 32 23.77 -33.03 -3.45
CA SER B 32 24.56 -31.84 -3.20
C SER B 32 25.67 -31.68 -4.24
N ILE B 33 26.32 -32.79 -4.62
CA ILE B 33 27.32 -32.75 -5.68
C ILE B 33 26.66 -32.38 -7.00
N GLU B 34 25.41 -32.80 -7.21
CA GLU B 34 24.69 -32.45 -8.43
C GLU B 34 24.49 -30.96 -8.51
N LYS B 35 23.87 -30.37 -7.48
CA LYS B 35 23.54 -28.96 -7.51
C LYS B 35 24.78 -28.10 -7.65
N ARG B 36 25.86 -28.45 -6.96
CA ARG B 36 27.06 -27.62 -7.04
C ARG B 36 27.75 -27.73 -8.39
N THR B 37 27.47 -28.78 -9.16
CA THR B 37 28.09 -28.92 -10.47
C THR B 37 27.33 -28.13 -11.52
N GLU B 38 26.00 -28.18 -11.47
CA GLU B 38 25.21 -27.28 -12.31
C GLU B 38 25.61 -25.83 -12.08
N ILE B 39 25.69 -25.44 -10.81
CA ILE B 39 25.99 -24.06 -10.45
C ILE B 39 27.41 -23.68 -10.86
N LYS B 40 28.40 -24.52 -10.50
CA LYS B 40 29.79 -24.22 -10.83
C LYS B 40 29.98 -23.91 -12.31
N GLN B 41 29.25 -24.62 -13.17
CA GLN B 41 29.29 -24.32 -14.60
C GLN B 41 28.71 -22.95 -14.90
N LEU B 42 27.51 -22.67 -14.40
CA LEU B 42 26.77 -21.49 -14.87
C LEU B 42 27.49 -20.17 -14.59
N LEU B 43 28.16 -20.05 -13.45
CA LEU B 43 28.78 -18.76 -13.10
C LEU B 43 30.19 -18.59 -13.69
N SER B 44 30.61 -19.47 -14.58
CA SER B 44 31.94 -19.36 -15.20
C SER B 44 32.02 -18.25 -16.23
N GLN B 45 30.96 -17.46 -16.40
CA GLN B 45 30.96 -16.34 -17.32
C GLN B 45 31.95 -15.27 -16.86
N ALA B 46 32.17 -14.28 -17.74
CA ALA B 46 33.20 -13.28 -17.51
C ALA B 46 33.00 -12.53 -16.19
N GLU B 47 31.83 -11.92 -16.01
CA GLU B 47 31.58 -11.09 -14.82
C GLU B 47 30.07 -11.13 -14.56
N ASP B 48 29.66 -11.92 -13.57
CA ASP B 48 28.25 -12.17 -13.30
C ASP B 48 28.04 -12.22 -11.78
N ASN B 49 27.71 -11.07 -11.20
CA ASN B 49 27.17 -10.99 -9.84
C ASN B 49 28.19 -11.37 -8.78
N LYS B 50 28.72 -10.38 -8.06
CA LYS B 50 29.53 -10.65 -6.88
C LYS B 50 28.80 -11.58 -5.92
N ASP B 51 27.53 -11.28 -5.63
CA ASP B 51 26.83 -11.92 -4.52
C ASP B 51 26.64 -13.41 -4.76
N LEU B 52 26.54 -13.80 -6.03
CA LEU B 52 26.41 -15.21 -6.40
C LEU B 52 27.66 -16.00 -6.02
N VAL B 53 28.83 -15.53 -6.49
CA VAL B 53 30.10 -16.20 -6.21
C VAL B 53 30.32 -16.34 -4.72
N ASP B 54 30.08 -15.24 -3.97
CA ASP B 54 30.27 -15.27 -2.52
C ASP B 54 29.40 -16.34 -1.88
N TYR B 55 28.13 -16.42 -2.30
CA TYR B 55 27.22 -17.40 -1.74
C TYR B 55 27.64 -18.81 -2.12
N PHE B 56 28.19 -18.98 -3.33
CA PHE B 56 28.72 -20.26 -3.76
C PHE B 56 29.84 -20.73 -2.84
N ILE B 57 30.85 -19.88 -2.65
CA ILE B 57 31.96 -20.18 -1.73
C ILE B 57 31.44 -20.52 -0.34
N LEU B 58 30.60 -19.64 0.21
CA LEU B 58 30.09 -19.83 1.56
C LEU B 58 29.32 -21.14 1.71
N LEU B 59 28.77 -21.66 0.62
CA LEU B 59 28.09 -22.95 0.65
C LEU B 59 29.06 -24.10 0.41
N ASP B 60 29.98 -23.91 -0.54
CA ASP B 60 31.03 -24.90 -0.79
C ASP B 60 31.82 -25.21 0.46
N HIS B 61 32.17 -24.18 1.24
CA HIS B 61 32.93 -24.39 2.47
C HIS B 61 32.13 -25.18 3.49
N ARG B 62 30.85 -24.83 3.69
CA ARG B 62 30.04 -25.59 4.62
C ARG B 62 29.68 -26.96 4.05
N HIS B 63 29.69 -27.08 2.72
CA HIS B 63 29.59 -28.38 2.07
C HIS B 63 30.71 -29.31 2.50
N SER B 64 31.96 -28.83 2.41
CA SER B 64 33.13 -29.58 2.86
C SER B 64 32.98 -30.06 4.30
N LEU B 65 32.62 -29.17 5.22
CA LEU B 65 32.57 -29.52 6.64
C LEU B 65 31.61 -30.65 6.93
N CYS B 66 30.69 -30.96 6.01
CA CYS B 66 29.76 -32.06 6.19
C CYS B 66 30.07 -33.28 5.33
N PHE B 67 30.88 -33.11 4.27
CA PHE B 67 31.05 -34.15 3.25
C PHE B 67 32.51 -34.53 2.96
N ASP B 68 33.45 -33.60 3.10
CA ASP B 68 34.82 -33.98 2.77
C ASP B 68 35.49 -34.71 3.93
N GLN B 69 36.58 -35.39 3.59
CA GLN B 69 37.18 -36.43 4.43
C GLN B 69 37.92 -35.87 5.64
N GLU B 70 37.25 -35.04 6.44
CA GLU B 70 37.78 -34.76 7.76
C GLU B 70 37.73 -36.03 8.61
N ALA B 71 38.91 -36.47 9.02
CA ALA B 71 39.16 -37.66 9.83
C ALA B 71 40.64 -37.53 10.14
N SER B 72 41.32 -36.82 9.25
CA SER B 72 42.67 -36.35 9.43
C SER B 72 42.75 -34.83 9.43
N MET B 73 41.69 -34.13 9.02
CA MET B 73 41.70 -32.68 9.04
C MET B 73 40.67 -32.17 10.04
N GLY B 74 40.82 -32.62 11.28
CA GLY B 74 40.08 -32.12 12.42
C GLY B 74 38.63 -32.56 12.53
N ASP B 75 38.01 -32.13 13.63
CA ASP B 75 36.60 -32.38 13.96
C ASP B 75 35.89 -31.03 14.08
N VAL B 76 35.23 -30.62 13.01
CA VAL B 76 34.50 -29.36 12.96
C VAL B 76 33.09 -29.55 13.52
N VAL B 77 33.00 -29.77 14.84
CA VAL B 77 31.68 -29.85 15.47
C VAL B 77 30.89 -28.57 15.19
N ASN B 78 31.42 -27.44 15.65
CA ASN B 78 30.84 -26.11 15.48
C ASN B 78 31.85 -25.06 15.92
N MET B 79 32.66 -24.58 14.98
CA MET B 79 33.75 -23.66 15.26
C MET B 79 33.23 -22.23 15.46
N LEU B 80 34.16 -21.35 15.85
CA LEU B 80 33.82 -19.96 16.12
C LEU B 80 33.22 -19.27 14.90
N SER B 81 33.75 -19.57 13.71
CA SER B 81 33.32 -18.86 12.50
C SER B 81 31.93 -19.24 12.04
N LYS B 82 31.32 -20.27 12.63
CA LYS B 82 29.98 -20.67 12.22
C LYS B 82 28.97 -19.55 12.41
N GLY B 83 29.03 -18.87 13.56
CA GLY B 83 28.15 -17.74 13.81
C GLY B 83 28.11 -16.76 12.66
N SER B 84 29.26 -16.34 12.18
CA SER B 84 29.31 -15.33 11.13
C SER B 84 29.01 -15.90 9.75
N HIS B 85 29.37 -17.16 9.50
CA HIS B 85 28.97 -17.82 8.25
C HIS B 85 27.47 -18.02 8.20
N ASP B 86 26.88 -18.53 9.29
CA ASP B 86 25.43 -18.60 9.44
C ASP B 86 24.74 -17.31 9.03
N LEU B 87 25.23 -16.18 9.56
CA LEU B 87 24.58 -14.89 9.31
C LEU B 87 24.58 -14.55 7.83
N LEU B 88 25.75 -14.67 7.18
CA LEU B 88 25.83 -14.41 5.75
C LEU B 88 24.97 -15.38 4.95
N ILE B 89 25.01 -16.67 5.30
CA ILE B 89 24.28 -17.67 4.54
C ILE B 89 22.77 -17.43 4.65
N ASN B 90 22.27 -17.25 5.88
CA ASN B 90 20.85 -16.93 6.06
C ASN B 90 20.47 -15.69 5.27
N PHE B 91 21.36 -14.70 5.23
CA PHE B 91 21.09 -13.48 4.48
C PHE B 91 21.01 -13.77 2.98
N TYR B 92 22.04 -14.43 2.44
CA TYR B 92 22.05 -14.75 1.00
C TYR B 92 20.86 -15.64 0.63
N PHE B 93 20.52 -16.60 1.49
CA PHE B 93 19.35 -17.44 1.25
C PHE B 93 18.09 -16.60 1.09
N GLU B 94 17.96 -15.55 1.89
CA GLU B 94 16.74 -14.74 1.90
C GLU B 94 16.74 -13.73 0.76
N LEU B 95 17.91 -13.16 0.43
CA LEU B 95 18.00 -12.27 -0.72
C LEU B 95 17.64 -13.00 -2.01
N PHE B 96 18.20 -14.19 -2.22
CA PHE B 96 17.99 -14.88 -3.48
C PHE B 96 16.62 -15.55 -3.54
N ALA B 97 16.11 -16.04 -2.41
CA ALA B 97 14.72 -16.48 -2.36
C ALA B 97 13.77 -15.34 -2.70
N GLY B 98 14.04 -14.14 -2.17
CA GLY B 98 13.24 -12.98 -2.55
C GLY B 98 13.27 -12.72 -4.04
N ASP B 99 14.47 -12.74 -4.63
CA ASP B 99 14.59 -12.54 -6.07
C ASP B 99 13.82 -13.60 -6.85
N TYR B 100 13.86 -14.85 -6.39
CA TYR B 100 13.18 -15.92 -7.11
C TYR B 100 11.67 -15.81 -6.97
N GLU B 101 11.17 -15.48 -5.77
CA GLU B 101 9.74 -15.29 -5.60
C GLU B 101 9.23 -14.12 -6.44
N PHE B 102 9.98 -13.02 -6.47
CA PHE B 102 9.68 -11.92 -7.38
C PHE B 102 9.64 -12.41 -8.82
N PHE B 103 10.49 -13.38 -9.16
CA PHE B 103 10.49 -13.94 -10.51
C PHE B 103 9.20 -14.69 -10.80
N LYS B 104 8.70 -15.47 -9.83
CA LYS B 104 7.44 -16.21 -9.97
C LYS B 104 6.19 -15.36 -9.83
N LYS B 105 6.30 -14.04 -9.79
CA LYS B 105 5.19 -13.10 -9.64
C LYS B 105 4.58 -13.13 -8.25
N ASN B 106 5.24 -13.79 -7.28
CA ASN B 106 4.71 -13.93 -5.92
C ASN B 106 5.30 -12.82 -5.06
N TYR B 107 4.72 -11.63 -5.20
CA TYR B 107 5.35 -10.41 -4.69
C TYR B 107 5.29 -10.32 -3.16
N VAL B 108 4.18 -10.79 -2.57
CA VAL B 108 4.04 -10.72 -1.11
C VAL B 108 5.12 -11.57 -0.44
N LYS B 109 5.33 -12.80 -0.92
CA LYS B 109 6.41 -13.63 -0.41
C LYS B 109 7.77 -12.98 -0.64
N ALA B 110 7.95 -12.34 -1.80
CA ALA B 110 9.22 -11.70 -2.11
C ALA B 110 9.54 -10.60 -1.10
N ILE B 111 8.58 -9.73 -0.80
CA ILE B 111 8.77 -8.69 0.20
C ILE B 111 9.14 -9.29 1.55
N SER B 112 8.42 -10.36 1.94
CA SER B 112 8.71 -11.05 3.19
C SER B 112 10.18 -11.46 3.29
N PHE B 113 10.72 -12.06 2.23
CA PHE B 113 12.11 -12.50 2.25
C PHE B 113 13.06 -11.32 2.22
N TYR B 114 12.77 -10.32 1.38
CA TYR B 114 13.62 -9.14 1.32
C TYR B 114 13.70 -8.43 2.67
N GLU B 115 12.56 -8.30 3.34
CA GLU B 115 12.53 -7.57 4.60
C GLU B 115 13.29 -8.32 5.70
N LYS B 116 13.26 -9.65 5.67
CA LYS B 116 14.10 -10.40 6.59
C LYS B 116 15.58 -10.17 6.30
N ALA B 117 15.96 -10.17 5.02
CA ALA B 117 17.35 -9.95 4.65
C ALA B 117 17.77 -8.51 4.93
N GLU B 118 16.86 -7.56 4.73
CA GLU B 118 17.17 -6.17 5.07
C GLU B 118 17.51 -6.01 6.54
N GLN B 119 16.86 -6.80 7.41
CA GLN B 119 17.12 -6.71 8.84
C GLN B 119 18.56 -7.11 9.16
N LYS B 120 19.00 -8.23 8.59
CA LYS B 120 20.34 -8.76 8.85
C LYS B 120 21.45 -7.83 8.36
N LEU B 121 21.11 -6.78 7.61
CA LEU B 121 22.12 -5.89 7.04
C LEU B 121 22.92 -5.16 8.11
N SER B 122 22.35 -4.96 9.30
CA SER B 122 23.05 -4.23 10.36
C SER B 122 24.15 -5.07 10.99
N SER B 123 23.96 -6.38 11.10
CA SER B 123 24.93 -7.23 11.79
C SER B 123 26.13 -7.59 10.93
N ILE B 124 26.09 -7.32 9.63
CA ILE B 124 27.23 -7.64 8.76
C ILE B 124 28.20 -6.47 8.92
N PRO B 125 29.50 -6.72 8.94
CA PRO B 125 30.43 -5.67 9.39
C PRO B 125 30.64 -4.48 8.46
N ASN B 126 31.10 -4.72 7.24
CA ASN B 126 31.45 -3.62 6.33
C ASN B 126 30.37 -3.38 5.27
N ILE B 127 29.11 -3.26 5.68
CA ILE B 127 28.03 -3.10 4.71
C ILE B 127 28.11 -1.71 4.10
N GLU B 128 28.06 -1.65 2.77
CA GLU B 128 28.11 -0.39 2.03
C GLU B 128 26.73 0.26 1.94
N GLU B 129 26.74 1.58 1.75
CA GLU B 129 25.50 2.34 1.64
C GLU B 129 24.58 1.83 0.56
N THR B 130 25.11 1.18 -0.47
CA THR B 130 24.31 0.84 -1.64
C THR B 130 23.55 -0.46 -1.48
N LYS B 131 24.06 -1.39 -0.67
CA LYS B 131 23.30 -2.59 -0.36
C LYS B 131 21.99 -2.26 0.34
N PHE B 132 21.88 -1.09 0.96
CA PHE B 132 20.62 -0.66 1.54
C PHE B 132 19.68 -0.11 0.48
N ALA B 133 20.22 0.69 -0.46
CA ALA B 133 19.43 1.18 -1.58
C ALA B 133 18.89 0.01 -2.41
N GLU B 134 19.69 -1.04 -2.59
CA GLU B 134 19.24 -2.20 -3.35
C GLU B 134 17.95 -2.76 -2.77
N PHE B 135 17.90 -2.93 -1.45
CA PHE B 135 16.71 -3.46 -0.82
C PHE B 135 15.58 -2.44 -0.81
N HIS B 136 15.89 -1.16 -0.61
CA HIS B 136 14.87 -0.11 -0.73
C HIS B 136 14.16 -0.20 -2.08
N TYR B 137 14.94 -0.33 -3.15
CA TYR B 137 14.38 -0.43 -4.50
C TYR B 137 13.61 -1.73 -4.70
N LYS B 138 14.26 -2.87 -4.41
CA LYS B 138 13.60 -4.16 -4.61
C LYS B 138 12.28 -4.23 -3.85
N ILE B 139 12.27 -3.78 -2.59
CA ILE B 139 11.01 -3.75 -1.85
C ILE B 139 10.04 -2.78 -2.52
N GLY B 140 10.54 -1.59 -2.88
CA GLY B 140 9.67 -0.59 -3.48
C GLY B 140 9.04 -1.03 -4.78
N VAL B 141 9.79 -1.78 -5.60
CA VAL B 141 9.24 -2.25 -6.86
C VAL B 141 8.25 -3.37 -6.64
N ALA B 142 8.56 -4.29 -5.70
CA ALA B 142 7.61 -5.35 -5.36
C ALA B 142 6.29 -4.79 -4.87
N TYR B 143 6.34 -3.71 -4.08
CA TYR B 143 5.11 -3.07 -3.63
C TYR B 143 4.35 -2.45 -4.81
N TYR B 144 5.08 -1.92 -5.80
CA TYR B 144 4.42 -1.38 -6.98
C TYR B 144 3.65 -2.44 -7.74
N GLU B 145 4.16 -3.68 -7.77
CA GLU B 145 3.47 -4.74 -8.48
C GLU B 145 2.13 -5.06 -7.84
N ILE B 146 1.98 -4.78 -6.55
CA ILE B 146 0.73 -5.06 -5.84
C ILE B 146 0.04 -3.75 -5.49
N ASP B 147 0.22 -2.74 -6.34
CA ASP B 147 -0.59 -1.51 -6.33
C ASP B 147 -0.51 -0.76 -5.00
N GLN B 148 0.60 -0.90 -4.28
CA GLN B 148 0.82 -0.16 -3.04
C GLN B 148 1.73 1.03 -3.35
N HIS B 149 1.13 2.00 -4.05
CA HIS B 149 1.94 3.00 -4.75
C HIS B 149 2.60 3.98 -3.80
N LEU B 150 1.93 4.34 -2.70
CA LEU B 150 2.51 5.32 -1.79
C LEU B 150 3.75 4.78 -1.10
N VAL B 151 3.73 3.53 -0.66
CA VAL B 151 4.92 2.97 -0.04
C VAL B 151 6.00 2.75 -1.08
N SER B 152 5.62 2.42 -2.32
CA SER B 152 6.62 2.24 -3.38
C SER B 152 7.39 3.53 -3.61
N VAL B 153 6.68 4.66 -3.72
CA VAL B 153 7.35 5.95 -3.84
C VAL B 153 8.26 6.19 -2.65
N ASN B 154 7.79 5.80 -1.46
CA ASN B 154 8.57 6.03 -0.24
C ASN B 154 9.89 5.27 -0.26
N LYS B 155 9.88 4.00 -0.65
CA LYS B 155 11.09 3.20 -0.56
C LYS B 155 12.07 3.48 -1.70
N VAL B 156 11.57 3.63 -2.93
CA VAL B 156 12.51 3.84 -4.03
C VAL B 156 13.03 5.27 -4.07
N THR B 157 12.33 6.22 -3.45
CA THR B 157 12.96 7.50 -3.18
C THR B 157 14.13 7.34 -2.21
N LYS B 158 13.97 6.48 -1.20
CA LYS B 158 15.07 6.24 -0.28
C LYS B 158 16.28 5.67 -1.01
N ALA B 159 16.04 4.74 -1.93
CA ALA B 159 17.12 4.23 -2.78
C ALA B 159 17.71 5.32 -3.67
N ARG B 160 16.83 6.11 -4.30
CA ARG B 160 17.31 7.16 -5.21
C ARG B 160 18.24 8.14 -4.50
N ASP B 161 17.94 8.48 -3.25
CA ASP B 161 18.76 9.45 -2.53
C ASP B 161 20.17 8.93 -2.30
N ILE B 162 20.32 7.62 -2.10
CA ILE B 162 21.65 7.02 -1.99
C ILE B 162 22.34 7.02 -3.34
N TYR B 163 21.63 6.57 -4.39
CA TYR B 163 22.22 6.51 -5.72
C TYR B 163 22.58 7.90 -6.27
N LYS B 164 21.96 8.96 -5.74
CA LYS B 164 22.32 10.31 -6.17
C LYS B 164 23.71 10.70 -5.69
N LYS B 165 24.07 10.29 -4.47
CA LYS B 165 25.35 10.68 -3.86
C LYS B 165 26.51 10.24 -4.74
N SER B 166 26.91 8.96 -4.62
CA SER B 166 27.98 8.44 -5.45
C SER B 166 27.63 8.59 -6.93
N ASP B 167 28.66 8.79 -7.75
CA ASP B 167 28.46 9.07 -9.16
C ASP B 167 28.75 7.85 -10.04
N MET B 168 28.92 6.68 -9.42
CA MET B 168 29.06 5.45 -10.19
C MET B 168 27.72 4.80 -10.46
N TRP B 169 26.75 5.04 -9.60
CA TRP B 169 25.39 4.50 -9.73
C TRP B 169 24.43 5.48 -10.36
N ASN B 170 24.77 6.03 -11.52
CA ASN B 170 23.87 6.97 -12.18
C ASN B 170 22.81 6.29 -13.03
N LEU B 171 23.07 5.06 -13.49
CA LEU B 171 22.05 4.30 -14.20
C LEU B 171 20.93 3.85 -13.26
N GLU B 172 21.27 3.58 -12.00
CA GLU B 172 20.24 3.14 -11.04
C GLU B 172 19.32 4.29 -10.65
N ALA B 173 19.89 5.48 -10.41
CA ALA B 173 19.07 6.65 -10.09
C ALA B 173 18.02 6.90 -11.19
N ILE B 174 18.43 6.74 -12.45
CA ILE B 174 17.50 6.92 -13.56
C ILE B 174 16.35 5.92 -13.45
N GLN B 175 16.69 4.66 -13.17
CA GLN B 175 15.66 3.63 -13.00
C GLN B 175 14.75 3.94 -11.82
N CYS B 176 15.31 4.47 -10.73
CA CYS B 176 14.50 4.81 -9.56
C CYS B 176 13.48 5.89 -9.88
N SER B 177 13.91 6.98 -10.53
CA SER B 177 12.95 8.04 -10.85
C SER B 177 11.95 7.58 -11.91
N LEU B 178 12.36 6.67 -12.79
CA LEU B 178 11.43 6.01 -13.68
C LEU B 178 10.33 5.30 -12.90
N VAL B 179 10.68 4.67 -11.78
CA VAL B 179 9.71 3.90 -11.01
C VAL B 179 8.80 4.81 -10.20
N VAL B 180 9.35 5.89 -9.61
CA VAL B 180 8.50 6.89 -8.96
C VAL B 180 7.50 7.45 -9.95
N GLY B 181 7.97 7.81 -11.14
CA GLY B 181 7.07 8.36 -12.15
C GLY B 181 5.93 7.43 -12.48
N ILE B 182 6.21 6.12 -12.59
CA ILE B 182 5.16 5.17 -12.96
C ILE B 182 4.12 5.09 -11.85
N ASN B 183 4.57 4.99 -10.59
CA ASN B 183 3.66 5.07 -9.45
C ASN B 183 2.78 6.30 -9.51
N LEU B 184 3.39 7.49 -9.67
CA LEU B 184 2.62 8.73 -9.73
C LEU B 184 1.61 8.72 -10.87
N TYR B 185 1.90 8.01 -11.96
CA TYR B 185 0.96 7.93 -13.07
C TYR B 185 -0.17 6.97 -12.75
N ASP B 186 0.17 5.78 -12.25
CA ASP B 186 -0.84 4.81 -11.81
C ASP B 186 -1.80 5.42 -10.80
N MET B 187 -1.33 6.35 -9.98
CA MET B 187 -2.23 7.06 -9.08
C MET B 187 -3.11 8.03 -9.84
N GLY B 188 -2.52 8.87 -10.70
CA GLY B 188 -3.26 9.88 -11.42
C GLY B 188 -2.66 11.27 -11.32
N ARG B 189 -1.58 11.40 -10.55
CA ARG B 189 -0.89 12.69 -10.42
C ARG B 189 0.00 12.89 -11.63
N LEU B 190 -0.62 13.29 -12.74
CA LEU B 190 0.02 13.18 -14.05
C LEU B 190 1.15 14.18 -14.20
N ASP B 191 0.99 15.40 -13.67
CA ASP B 191 2.03 16.40 -13.86
C ASP B 191 3.28 16.09 -13.04
N ASP B 192 3.12 15.42 -11.90
CA ASP B 192 4.29 15.00 -11.14
C ASP B 192 5.00 13.84 -11.84
N ALA B 193 4.23 12.89 -12.37
CA ALA B 193 4.82 11.79 -13.13
C ALA B 193 5.55 12.30 -14.35
N ASP B 194 4.93 13.23 -15.10
CA ASP B 194 5.57 13.88 -16.23
C ASP B 194 6.94 14.44 -15.82
N ALA B 195 6.97 15.16 -14.71
CA ALA B 195 8.21 15.80 -14.27
C ALA B 195 9.31 14.78 -14.01
N TYR B 196 8.98 13.72 -13.25
CA TYR B 196 9.95 12.65 -12.99
C TYR B 196 10.45 12.02 -14.28
N PHE B 197 9.54 11.74 -15.22
CA PHE B 197 9.96 11.14 -16.49
C PHE B 197 10.91 12.07 -17.24
N ARG B 198 10.57 13.36 -17.31
CA ARG B 198 11.44 14.31 -17.99
C ARG B 198 12.79 14.45 -17.30
N ASP B 199 12.83 14.30 -15.97
CA ASP B 199 14.10 14.40 -15.27
C ASP B 199 14.98 13.18 -15.51
N ALA B 200 14.35 12.01 -15.65
CA ALA B 200 15.09 10.81 -16.04
C ALA B 200 15.58 10.90 -17.48
N LEU B 201 14.80 11.54 -18.35
CA LEU B 201 15.16 11.62 -19.77
C LEU B 201 16.42 12.45 -19.98
N THR B 202 16.46 13.66 -19.39
CA THR B 202 17.63 14.51 -19.56
C THR B 202 18.86 13.91 -18.88
N GLU B 203 18.65 13.26 -17.72
CA GLU B 203 19.77 12.59 -17.07
C GLU B 203 20.28 11.42 -17.91
N ALA B 204 19.38 10.73 -18.61
CA ALA B 204 19.79 9.64 -19.49
C ALA B 204 20.50 10.16 -20.74
N LEU B 205 20.13 11.35 -21.21
CA LEU B 205 20.77 11.93 -22.39
C LEU B 205 22.17 12.44 -22.08
N ASP B 206 22.34 13.09 -20.92
CA ASP B 206 23.65 13.62 -20.56
C ASP B 206 24.71 12.51 -20.58
N HIS B 207 24.35 11.33 -20.11
CA HIS B 207 25.17 10.14 -20.21
C HIS B 207 24.81 9.39 -21.49
N GLY B 208 25.57 8.34 -21.79
CA GLY B 208 25.32 7.59 -23.02
C GLY B 208 24.21 6.56 -22.97
N TYR B 209 23.47 6.47 -21.86
CA TYR B 209 22.49 5.40 -21.68
C TYR B 209 21.40 5.42 -22.76
N ASP B 210 21.06 4.22 -23.25
CA ASP B 210 19.99 3.99 -24.20
C ASP B 210 18.92 3.04 -23.69
N LYS B 211 19.27 2.10 -22.82
CA LYS B 211 18.31 1.15 -22.26
C LYS B 211 17.04 1.77 -21.72
N PRO B 212 17.08 2.81 -20.84
CA PRO B 212 15.83 3.28 -20.23
C PRO B 212 15.00 4.16 -21.15
N ILE B 213 15.68 4.95 -21.99
CA ILE B 213 15.08 5.93 -22.90
C ILE B 213 13.76 5.44 -23.49
N THR B 214 13.75 4.22 -24.01
CA THR B 214 12.56 3.70 -24.65
C THR B 214 11.37 3.66 -23.69
N LYS B 215 11.60 3.14 -22.48
CA LYS B 215 10.54 3.12 -21.48
C LYS B 215 10.13 4.55 -21.09
N ILE B 216 11.11 5.46 -21.00
CA ILE B 216 10.81 6.85 -20.66
C ILE B 216 9.86 7.47 -21.69
N TYR B 217 10.16 7.30 -22.97
CA TYR B 217 9.29 7.87 -24.01
C TYR B 217 7.92 7.24 -23.98
N HIS B 218 7.84 5.95 -23.68
CA HIS B 218 6.53 5.29 -23.68
C HIS B 218 5.69 5.79 -22.51
N ASN B 219 6.32 6.03 -21.36
CA ASN B 219 5.60 6.56 -20.22
C ASN B 219 5.14 7.99 -20.47
N LEU B 220 6.03 8.84 -20.99
CA LEU B 220 5.65 10.18 -21.40
C LEU B 220 4.46 10.14 -22.36
N GLY B 221 4.47 9.21 -23.30
CA GLY B 221 3.30 9.02 -24.15
C GLY B 221 2.05 8.71 -23.37
N LEU B 222 2.16 7.84 -22.36
CA LEU B 222 1.01 7.47 -21.54
C LEU B 222 0.49 8.67 -20.75
N VAL B 223 1.40 9.44 -20.15
CA VAL B 223 1.01 10.65 -19.41
C VAL B 223 0.12 11.54 -20.25
N HIS B 224 0.63 11.97 -21.41
CA HIS B 224 -0.12 12.90 -22.24
C HIS B 224 -1.34 12.24 -22.89
N TRP B 225 -1.31 10.92 -23.07
CA TRP B 225 -2.53 10.21 -23.49
C TRP B 225 -3.63 10.40 -22.45
N GLN B 226 -3.34 10.05 -21.19
CA GLN B 226 -4.29 10.33 -20.11
C GLN B 226 -4.56 11.82 -19.95
N LYS B 227 -3.63 12.68 -20.37
CA LYS B 227 -3.87 14.12 -20.31
C LYS B 227 -4.82 14.60 -21.40
N GLY B 228 -5.06 13.79 -22.42
CA GLY B 228 -5.98 14.14 -23.49
C GLY B 228 -5.36 14.81 -24.69
N SER B 229 -4.10 15.25 -24.60
CA SER B 229 -3.38 15.79 -25.75
C SER B 229 -2.82 14.62 -26.55
N LEU B 230 -3.68 14.07 -27.41
CA LEU B 230 -3.33 12.85 -28.13
C LEU B 230 -2.28 13.11 -29.20
N GLU B 231 -2.27 14.31 -29.77
CA GLU B 231 -1.26 14.69 -30.74
C GLU B 231 0.15 14.48 -30.16
N LEU B 232 0.38 14.97 -28.95
CA LEU B 232 1.68 14.87 -28.31
C LEU B 232 1.94 13.47 -27.77
N ALA B 233 0.91 12.79 -27.28
CA ALA B 233 1.06 11.39 -26.88
C ALA B 233 1.55 10.53 -28.04
N LEU B 234 0.89 10.67 -29.19
CA LEU B 234 1.29 9.93 -30.39
C LEU B 234 2.75 10.17 -30.75
N HIS B 235 3.21 11.42 -30.62
CA HIS B 235 4.61 11.74 -30.87
C HIS B 235 5.54 10.88 -30.04
N TYR B 236 5.25 10.75 -28.74
CA TYR B 236 6.16 10.02 -27.85
C TYR B 236 6.14 8.52 -28.13
N PHE B 237 4.98 7.97 -28.46
CA PHE B 237 4.94 6.54 -28.77
C PHE B 237 5.78 6.24 -30.01
N ARG B 238 5.71 7.12 -31.01
CA ARG B 238 6.59 7.02 -32.16
C ARG B 238 8.05 7.03 -31.75
N GLU B 239 8.42 7.98 -30.87
CA GLU B 239 9.81 8.09 -30.44
C GLU B 239 10.25 6.86 -29.67
N ALA B 240 9.34 6.24 -28.92
CA ALA B 240 9.66 5.00 -28.22
C ALA B 240 10.00 3.89 -29.23
N TYR B 241 9.18 3.76 -30.27
CA TYR B 241 9.48 2.76 -31.31
C TYR B 241 10.76 3.10 -32.04
N SER B 242 11.03 4.38 -32.26
CA SER B 242 12.25 4.77 -32.97
C SER B 242 13.49 4.36 -32.19
N HIS B 243 13.54 4.69 -30.90
CA HIS B 243 14.74 4.45 -30.11
C HIS B 243 14.70 3.01 -29.65
N GLU B 244 15.80 2.27 -29.88
CA GLU B 244 15.98 0.87 -29.50
C GLU B 244 15.25 -0.04 -30.48
N TRP B 245 15.92 -1.10 -30.92
CA TRP B 245 15.30 -2.05 -31.84
C TRP B 245 14.43 -3.04 -31.07
N LEU B 246 13.14 -2.72 -30.98
CA LEU B 246 12.21 -3.48 -30.15
C LEU B 246 11.40 -4.51 -30.94
N ARG B 247 11.44 -4.47 -32.27
CA ARG B 247 10.55 -5.29 -33.10
C ARG B 247 10.72 -6.79 -32.89
N ASP B 248 11.80 -7.24 -32.24
CA ASP B 248 11.98 -8.66 -32.00
C ASP B 248 12.33 -8.95 -30.54
N SER B 249 12.22 -7.95 -29.67
CA SER B 249 12.16 -8.19 -28.25
C SER B 249 10.70 -8.45 -27.87
N PRO B 250 10.45 -9.29 -26.87
CA PRO B 250 9.07 -9.40 -26.37
C PRO B 250 8.57 -8.13 -25.73
N LYS B 251 9.47 -7.34 -25.13
CA LYS B 251 9.07 -6.21 -24.30
C LYS B 251 8.65 -4.99 -25.11
N GLY B 252 9.01 -4.93 -26.39
CA GLY B 252 8.56 -3.87 -27.26
C GLY B 252 7.20 -4.07 -27.86
N GLN B 253 6.51 -5.15 -27.49
CA GLN B 253 5.16 -5.41 -27.98
C GLN B 253 4.21 -4.28 -27.59
N GLN B 254 4.39 -3.72 -26.39
CA GLN B 254 3.43 -2.78 -25.83
C GLN B 254 3.42 -1.45 -26.58
N THR B 255 4.56 -1.03 -27.12
CA THR B 255 4.59 0.23 -27.86
C THR B 255 3.82 0.13 -29.16
N VAL B 256 3.99 -0.99 -29.88
CA VAL B 256 3.24 -1.20 -31.12
C VAL B 256 1.75 -1.17 -30.84
N TYR B 257 1.33 -1.73 -29.71
CA TYR B 257 -0.08 -1.75 -29.34
C TYR B 257 -0.59 -0.33 -29.07
N MET B 258 0.15 0.43 -28.26
CA MET B 258 -0.26 1.80 -27.96
C MET B 258 -0.34 2.65 -29.21
N LEU B 259 0.65 2.56 -30.09
CA LEU B 259 0.62 3.28 -31.36
C LEU B 259 -0.66 3.01 -32.12
N SER B 260 -1.00 1.72 -32.30
CA SER B 260 -2.23 1.37 -32.98
C SER B 260 -3.45 1.93 -32.26
N ARG B 261 -3.51 1.78 -30.93
CA ARG B 261 -4.71 2.15 -30.18
C ARG B 261 -4.98 3.65 -30.24
N VAL B 262 -3.94 4.48 -30.11
CA VAL B 262 -4.15 5.92 -30.19
C VAL B 262 -4.62 6.31 -31.58
N LEU B 263 -3.96 5.80 -32.63
CA LEU B 263 -4.35 6.16 -33.99
C LEU B 263 -5.77 5.72 -34.29
N TYR B 264 -6.26 4.67 -33.65
CA TYR B 264 -7.65 4.27 -33.82
C TYR B 264 -8.60 5.20 -33.10
N THR B 265 -8.16 5.75 -31.96
CA THR B 265 -8.98 6.67 -31.18
C THR B 265 -9.05 8.05 -31.83
N MET B 266 -7.94 8.52 -32.43
CA MET B 266 -7.95 9.75 -33.21
C MET B 266 -8.59 9.59 -34.59
N GLY B 267 -9.12 8.42 -34.94
CA GLY B 267 -9.70 8.24 -36.25
C GLY B 267 -8.70 8.18 -37.39
N GLN B 268 -7.45 7.82 -37.11
CA GLN B 268 -6.42 7.77 -38.14
C GLN B 268 -6.53 6.49 -38.96
N ASN B 269 -7.19 5.47 -38.40
CA ASN B 269 -7.50 4.15 -38.94
C ASN B 269 -6.58 3.58 -40.01
N GLU B 270 -6.14 4.38 -40.96
CA GLU B 270 -5.30 3.85 -42.03
C GLU B 270 -3.96 3.36 -41.47
N GLU B 271 -3.25 4.26 -40.79
CA GLU B 271 -2.01 3.88 -40.13
C GLU B 271 -2.28 2.93 -38.97
N ALA B 272 -3.36 3.17 -38.23
CA ALA B 272 -3.70 2.33 -37.07
C ALA B 272 -3.78 0.86 -37.44
N TYR B 273 -4.34 0.55 -38.62
CA TYR B 273 -4.43 -0.85 -39.03
C TYR B 273 -3.07 -1.44 -39.33
N HIS B 274 -2.14 -0.62 -39.84
CA HIS B 274 -0.79 -1.11 -40.13
C HIS B 274 -0.04 -1.50 -38.87
N TRP B 275 -0.21 -0.73 -37.78
CA TRP B 275 0.37 -1.14 -36.50
C TRP B 275 -0.38 -2.33 -35.91
N TYR B 276 -1.69 -2.40 -36.14
CA TYR B 276 -2.44 -3.61 -35.79
C TYR B 276 -1.82 -4.83 -36.46
N GLU B 277 -1.66 -4.76 -37.78
CA GLU B 277 -1.00 -5.83 -38.53
C GLU B 277 0.32 -6.24 -37.89
N LEU B 278 1.20 -5.28 -37.65
CA LEU B 278 2.50 -5.59 -37.05
C LEU B 278 2.35 -6.21 -35.66
N GLY B 279 1.30 -5.85 -34.94
CA GLY B 279 1.14 -6.30 -33.57
C GLY B 279 0.55 -7.69 -33.53
N ILE B 280 -0.37 -7.98 -34.45
CA ILE B 280 -0.84 -9.36 -34.65
C ILE B 280 0.33 -10.25 -35.06
N GLU B 281 1.18 -9.76 -35.96
CA GLU B 281 2.32 -10.56 -36.42
C GLU B 281 3.32 -10.80 -35.31
N MET B 282 3.47 -9.84 -34.40
CA MET B 282 4.34 -10.06 -33.24
C MET B 282 3.71 -11.05 -32.27
N ALA B 283 2.38 -11.00 -32.10
CA ALA B 283 1.69 -11.97 -31.26
C ALA B 283 1.88 -13.39 -31.76
N ARG B 284 2.01 -13.56 -33.09
CA ARG B 284 2.47 -14.83 -33.63
C ARG B 284 3.87 -15.14 -33.12
N LYS B 285 4.79 -14.22 -33.36
CA LYS B 285 6.22 -14.43 -33.14
C LYS B 285 6.52 -14.90 -31.72
N PHE B 286 5.89 -14.31 -30.72
CA PHE B 286 6.15 -14.66 -29.33
C PHE B 286 5.03 -15.48 -28.69
N ASP B 287 3.97 -15.78 -29.44
CA ASP B 287 2.81 -16.51 -28.91
C ASP B 287 2.25 -15.86 -27.66
N ASP B 288 2.27 -14.52 -27.64
CA ASP B 288 1.73 -13.75 -26.52
C ASP B 288 0.23 -13.72 -26.72
N HIS B 289 -0.49 -14.55 -25.96
CA HIS B 289 -1.93 -14.64 -26.13
C HIS B 289 -2.64 -13.39 -25.66
N GLU B 290 -2.06 -12.65 -24.71
CA GLU B 290 -2.68 -11.44 -24.20
C GLU B 290 -2.67 -10.33 -25.25
N TYR B 291 -1.50 -10.01 -25.79
CA TYR B 291 -1.43 -8.99 -26.82
C TYR B 291 -2.20 -9.39 -28.07
N LYS B 292 -2.43 -10.70 -28.25
CA LYS B 292 -3.34 -11.14 -29.30
C LYS B 292 -4.78 -10.78 -28.94
N ALA B 293 -5.16 -10.99 -27.68
CA ALA B 293 -6.47 -10.56 -27.20
C ALA B 293 -6.66 -9.05 -27.32
N LYS B 294 -5.68 -8.28 -26.84
CA LYS B 294 -5.80 -6.82 -26.90
C LYS B 294 -5.91 -6.32 -28.33
N HIS B 295 -5.09 -6.86 -29.25
CA HIS B 295 -5.23 -6.46 -30.64
C HIS B 295 -6.49 -7.02 -31.28
N ASP B 296 -7.00 -8.14 -30.78
CA ASP B 296 -8.28 -8.66 -31.26
C ASP B 296 -9.42 -7.68 -31.01
N ILE B 297 -9.46 -7.11 -29.81
CA ILE B 297 -10.53 -6.18 -29.46
C ILE B 297 -10.48 -4.94 -30.34
N LEU B 298 -9.26 -4.42 -30.58
CA LEU B 298 -9.11 -3.33 -31.53
C LEU B 298 -9.72 -3.69 -32.88
N TYR B 299 -9.43 -4.89 -33.37
CA TYR B 299 -9.89 -5.27 -34.71
C TYR B 299 -11.40 -5.44 -34.76
N HIS B 300 -11.97 -6.08 -33.75
CA HIS B 300 -13.40 -6.34 -33.72
C HIS B 300 -14.18 -5.18 -33.14
N LEU B 301 -13.54 -4.03 -32.98
CA LEU B 301 -14.20 -2.79 -32.61
C LEU B 301 -14.13 -1.76 -33.72
N TYR B 302 -12.96 -1.55 -34.31
CA TYR B 302 -12.77 -0.49 -35.29
C TYR B 302 -12.76 -0.99 -36.73
N GLU B 303 -12.45 -2.26 -36.99
CA GLU B 303 -12.38 -2.80 -38.33
C GLU B 303 -13.62 -3.58 -38.73
N GLN B 304 -13.88 -4.71 -38.05
CA GLN B 304 -15.04 -5.55 -38.33
C GLN B 304 -15.81 -5.72 -37.02
N PRO B 305 -16.67 -4.75 -36.68
CA PRO B 305 -17.37 -4.79 -35.39
C PRO B 305 -18.03 -6.13 -35.10
N SER B 306 -18.01 -6.52 -33.83
CA SER B 306 -18.64 -7.74 -33.35
C SER B 306 -18.66 -7.73 -31.83
N ILE B 307 -19.76 -7.24 -31.24
CA ILE B 307 -19.85 -7.11 -29.79
C ILE B 307 -19.58 -8.44 -29.10
N ASP B 308 -20.02 -9.54 -29.71
CA ASP B 308 -19.80 -10.85 -29.13
C ASP B 308 -18.34 -11.24 -29.16
N GLU B 309 -17.62 -10.88 -30.24
CA GLU B 309 -16.21 -11.21 -30.34
C GLU B 309 -15.38 -10.41 -29.34
N VAL B 310 -15.73 -9.16 -29.09
CA VAL B 310 -15.02 -8.35 -28.10
C VAL B 310 -15.14 -8.97 -26.72
N LYS B 311 -16.37 -9.35 -26.34
CA LYS B 311 -16.57 -10.05 -25.07
C LYS B 311 -15.69 -11.28 -24.96
N GLN B 312 -15.56 -12.05 -26.05
CA GLN B 312 -14.70 -13.23 -26.06
C GLN B 312 -13.29 -12.87 -25.63
N SER B 313 -12.67 -11.89 -26.30
CA SER B 313 -11.30 -11.53 -26.00
C SER B 313 -11.19 -10.90 -24.61
N LEU B 314 -12.11 -9.99 -24.29
CA LEU B 314 -12.19 -9.42 -22.95
C LEU B 314 -12.23 -10.52 -21.87
N ALA B 315 -13.10 -11.52 -22.08
CA ALA B 315 -13.16 -12.67 -21.17
C ALA B 315 -11.80 -13.31 -20.96
N PHE B 316 -11.02 -13.47 -22.03
CA PHE B 316 -9.69 -14.06 -21.89
C PHE B 316 -8.80 -13.21 -21.00
N LEU B 317 -8.84 -11.88 -21.19
CA LEU B 317 -7.99 -11.00 -20.40
C LEU B 317 -8.42 -11.01 -18.94
N GLU B 318 -9.72 -11.14 -18.68
CA GLU B 318 -10.19 -11.23 -17.30
C GLU B 318 -9.78 -12.54 -16.64
N GLU B 319 -9.64 -13.61 -17.43
CA GLU B 319 -9.16 -14.89 -16.91
C GLU B 319 -7.66 -14.85 -16.59
N ARG B 320 -6.97 -13.80 -17.03
CA ARG B 320 -5.54 -13.62 -16.87
C ARG B 320 -5.23 -12.59 -15.81
N ASN B 321 -6.20 -12.25 -14.97
CA ASN B 321 -6.15 -11.10 -14.08
C ASN B 321 -6.00 -9.86 -14.96
N LEU B 322 -4.81 -9.25 -14.99
CA LEU B 322 -4.55 -8.09 -15.84
C LEU B 322 -5.67 -7.05 -15.74
N TRP B 323 -6.01 -6.68 -14.53
CA TRP B 323 -7.25 -5.95 -14.31
C TRP B 323 -7.17 -4.45 -14.60
N PRO B 324 -6.01 -3.79 -14.37
CA PRO B 324 -5.82 -2.45 -14.95
C PRO B 324 -6.20 -2.39 -16.42
N ASP B 325 -5.60 -3.27 -17.23
CA ASP B 325 -5.86 -3.25 -18.66
C ASP B 325 -7.32 -3.53 -18.97
N VAL B 326 -7.95 -4.45 -18.24
CA VAL B 326 -9.36 -4.74 -18.44
C VAL B 326 -10.22 -3.54 -18.07
N SER B 327 -9.94 -2.91 -16.92
CA SER B 327 -10.69 -1.75 -16.49
C SER B 327 -10.67 -0.64 -17.54
N LYS B 328 -9.50 -0.33 -18.08
CA LYS B 328 -9.38 0.80 -19.00
C LYS B 328 -9.93 0.46 -20.39
N ILE B 329 -9.71 -0.76 -20.87
CA ILE B 329 -10.24 -1.15 -22.17
C ILE B 329 -11.76 -1.16 -22.14
N ALA B 330 -12.34 -1.79 -21.10
CA ALA B 330 -13.78 -1.86 -20.98
C ALA B 330 -14.40 -0.48 -20.84
N LYS B 331 -13.75 0.42 -20.09
CA LYS B 331 -14.22 1.79 -19.99
C LYS B 331 -14.20 2.47 -21.36
N GLY B 332 -13.10 2.33 -22.09
CA GLY B 332 -13.04 2.83 -23.45
C GLY B 332 -14.21 2.40 -24.31
N ILE B 333 -14.48 1.09 -24.32
CA ILE B 333 -15.60 0.55 -25.10
C ILE B 333 -16.91 1.26 -24.74
N SER B 334 -17.22 1.32 -23.45
CA SER B 334 -18.48 1.93 -23.01
C SER B 334 -18.57 3.38 -23.42
N GLU B 335 -17.48 4.14 -23.25
CA GLU B 335 -17.45 5.52 -23.73
C GLU B 335 -17.75 5.58 -25.22
N LEU B 336 -17.16 4.68 -26.01
CA LEU B 336 -17.35 4.70 -27.45
C LEU B 336 -18.79 4.34 -27.81
N TYR B 337 -19.32 3.27 -27.23
CA TYR B 337 -20.69 2.82 -27.50
C TYR B 337 -21.72 3.84 -27.03
N GLU B 338 -21.28 4.98 -26.52
CA GLU B 338 -22.19 6.05 -26.12
C GLU B 338 -22.32 7.13 -27.17
N LYS B 339 -21.21 7.55 -27.76
CA LYS B 339 -21.28 8.40 -28.94
C LYS B 339 -21.98 7.71 -30.10
N LYS B 340 -22.00 6.37 -30.10
CA LYS B 340 -22.78 5.59 -31.05
C LYS B 340 -24.22 5.37 -30.58
N GLY B 341 -24.62 6.02 -29.48
CA GLY B 341 -26.02 6.05 -29.08
C GLY B 341 -26.55 4.82 -28.38
N ASP B 342 -25.75 3.76 -28.22
CA ASP B 342 -26.24 2.50 -27.66
C ASP B 342 -25.96 2.51 -26.16
N LEU B 343 -26.96 2.90 -25.38
CA LEU B 343 -26.84 2.91 -23.93
C LEU B 343 -26.82 1.48 -23.36
N VAL B 344 -27.56 0.56 -23.99
CA VAL B 344 -27.78 -0.77 -23.42
C VAL B 344 -26.47 -1.50 -23.19
N THR B 345 -25.64 -1.62 -24.23
CA THR B 345 -24.39 -2.35 -24.12
C THR B 345 -23.24 -1.50 -23.59
N SER B 346 -23.35 -0.17 -23.67
CA SER B 346 -22.40 0.68 -22.96
C SER B 346 -22.47 0.42 -21.46
N HIS B 347 -23.68 0.27 -20.92
CA HIS B 347 -23.85 -0.07 -19.52
C HIS B 347 -23.28 -1.46 -19.23
N GLU B 348 -23.47 -2.40 -20.15
CA GLU B 348 -22.88 -3.73 -20.00
C GLU B 348 -21.37 -3.66 -19.79
N PHE B 349 -20.69 -2.78 -20.52
CA PHE B 349 -19.24 -2.71 -20.42
C PHE B 349 -18.80 -1.89 -19.21
N LEU B 350 -19.53 -0.82 -18.87
CA LEU B 350 -19.23 -0.07 -17.66
C LEU B 350 -19.33 -0.95 -16.42
N LYS B 351 -20.35 -1.82 -16.36
CA LYS B 351 -20.41 -2.82 -15.30
C LYS B 351 -19.16 -3.67 -15.26
N ARG B 352 -18.64 -4.04 -16.44
CA ARG B 352 -17.44 -4.86 -16.49
C ARG B 352 -16.21 -4.03 -16.14
N ALA B 353 -16.17 -2.77 -16.60
CA ALA B 353 -15.06 -1.89 -16.22
C ALA B 353 -15.06 -1.60 -14.73
N PHE B 354 -16.24 -1.54 -14.10
CA PHE B 354 -16.30 -1.26 -12.68
C PHE B 354 -15.86 -2.47 -11.87
N TYR B 355 -16.41 -3.65 -12.20
CA TYR B 355 -15.95 -4.90 -11.58
C TYR B 355 -14.43 -5.03 -11.63
N ALA B 356 -13.82 -4.64 -12.76
CA ALA B 356 -12.37 -4.72 -12.87
C ALA B 356 -11.68 -3.85 -11.83
N LYS B 357 -12.20 -2.64 -11.60
CA LYS B 357 -11.64 -1.77 -10.57
C LYS B 357 -11.61 -2.46 -9.21
N GLU B 358 -12.70 -3.12 -8.84
CA GLU B 358 -12.75 -3.85 -7.57
C GLU B 358 -11.75 -5.00 -7.53
N GLN B 359 -11.43 -5.58 -8.68
CA GLN B 359 -10.44 -6.65 -8.74
C GLN B 359 -9.02 -6.15 -8.51
N ILE B 360 -8.79 -4.83 -8.56
CA ILE B 360 -7.46 -4.29 -8.40
C ILE B 360 -7.12 -4.14 -6.92
N GLN B 361 -8.12 -3.94 -6.07
CA GLN B 361 -7.89 -3.84 -4.63
C GLN B 361 -7.56 -5.21 -4.03
N ARG B 362 -8.23 -6.26 -4.48
CA ARG B 362 -8.01 -7.60 -3.94
C ARG B 362 -6.56 -8.04 -4.05
N ILE B 363 -6.06 -8.20 -5.28
CA ILE B 363 -4.67 -8.60 -5.54
C ILE B 363 -4.44 -9.90 -4.78
N THR B 364 -4.98 -10.99 -5.31
CA THR B 364 -4.92 -12.26 -4.61
C THR B 364 -3.63 -12.99 -4.89
#